data_6QRM
#
_entry.id   6QRM
#
_cell.length_a   79.437
_cell.length_b   178.931
_cell.length_c   58.412
_cell.angle_alpha   90.000
_cell.angle_beta   90.000
_cell.angle_gamma   90.000
#
_symmetry.space_group_name_H-M   'P 21 21 2'
#
loop_
_entity.id
_entity.type
_entity.pdbx_description
1 polymer 'Glycylpeptide N-tetradecanoyltransferase 1'
2 polymer 'Apoptosis-inducing factor 3'
3 non-polymer 'COENZYME A'
4 non-polymer GLYCEROL
5 non-polymer 'CHLORIDE ION'
6 non-polymer TETRADECANOYL-COA
7 non-polymer 'MYRISTIC ACID'
8 water water
#
loop_
_entity_poly.entity_id
_entity_poly.type
_entity_poly.pdbx_seq_one_letter_code
_entity_poly.pdbx_strand_id
1 'polypeptide(L)'
;GGSEFSVGQGPAKTMEEASKRSYQFWDTQPVPKLGEVVNTHGPVEPDKDNIRQEPYTLPQGFTWDALDLGDRGVLKELYT
LLNENYVEDDDNMFRFDYSPEFLLWALRPPGWLPQWHCGVRVVSSRKLVGFISAIPANIHIYDTEKKMVEINFLCVHKKL
RSKRVAPVLIREITRRVHLEGIFQAVYTAGVVLPKPVGTCRYWHRSLNPRKLIEVKFSHLSRNMTMQRTMKLYRLPETPK
TAGLRPMETKDIPVVHQLLTRYLKQFHLTPVMSQEEVEHWFYPQENIIDTFVVENANGEVTDFLSFYTLPSTIMNHPTHK
SLKAAYSFYNVHTQTPLLDLMSDALVLAKMKGFDVFNALDLMENKTFLEKLKFGIGDGNLQYYLYNWKCPSMGAEKVGLV
LQ
;
A,B
2 'polypeptide(L)' GNCFSKRRAA C,D
#
loop_
_chem_comp.id
_chem_comp.type
_chem_comp.name
_chem_comp.formula
CL non-polymer 'CHLORIDE ION' 'Cl -1'
COA non-polymer 'COENZYME A' 'C21 H36 N7 O16 P3 S'
GOL non-polymer GLYCEROL 'C3 H8 O3'
MYA non-polymer TETRADECANOYL-COA 'C35 H62 N7 O17 P3 S'
MYR non-polymer 'MYRISTIC ACID' 'C14 H28 O2'
#
# COMPACT_ATOMS: atom_id res chain seq x y z
N PRO A 11 6.55 33.00 -10.60
CA PRO A 11 6.36 32.45 -9.24
C PRO A 11 6.62 33.48 -8.15
N ALA A 12 6.10 33.25 -6.94
CA ALA A 12 6.26 34.18 -5.83
C ALA A 12 6.73 33.41 -4.61
N LYS A 13 7.88 33.80 -4.06
CA LYS A 13 8.35 33.19 -2.82
C LYS A 13 7.68 33.82 -1.61
N THR A 14 7.36 35.10 -1.70
CA THR A 14 6.67 35.78 -0.63
C THR A 14 5.15 35.69 -0.79
N MET A 15 4.46 35.74 0.34
CA MET A 15 3.00 35.85 0.32
C MET A 15 2.54 37.21 -0.23
N GLU A 16 3.35 38.25 -0.07
CA GLU A 16 3.06 39.55 -0.68
C GLU A 16 2.88 39.42 -2.19
N GLU A 17 3.91 38.93 -2.90
CA GLU A 17 3.82 38.79 -4.35
C GLU A 17 2.75 37.76 -4.75
N ALA A 18 2.56 36.71 -3.94
CA ALA A 18 1.54 35.71 -4.25
C ALA A 18 0.12 36.31 -4.26
N SER A 19 -0.18 37.21 -3.32
CA SER A 19 -1.47 37.90 -3.31
C SER A 19 -1.78 38.57 -4.64
N LYS A 20 -0.76 39.08 -5.35
CA LYS A 20 -0.88 39.82 -6.59
C LYS A 20 -0.82 38.93 -7.83
N ARG A 21 -1.06 37.62 -7.68
CA ARG A 21 -0.87 36.65 -8.73
C ARG A 21 -2.19 35.99 -9.05
N SER A 22 -2.29 35.48 -10.28
CA SER A 22 -3.37 34.62 -10.73
C SER A 22 -2.83 33.24 -11.02
N TYR A 23 -3.56 32.21 -10.62
CA TYR A 23 -3.08 30.83 -10.71
C TYR A 23 -3.97 30.07 -11.69
N GLN A 24 -3.70 30.28 -12.99
CA GLN A 24 -4.50 29.64 -14.02
C GLN A 24 -4.57 28.14 -13.79
N PHE A 25 -3.44 27.51 -13.44
CA PHE A 25 -3.46 26.08 -13.21
C PHE A 25 -4.03 25.74 -11.84
N TRP A 26 -3.52 26.36 -10.79
CA TRP A 26 -3.94 25.94 -9.46
C TRP A 26 -5.41 26.25 -9.19
N ASP A 27 -5.99 27.21 -9.91
CA ASP A 27 -7.42 27.46 -9.77
C ASP A 27 -8.27 26.28 -10.26
N THR A 28 -7.73 25.47 -11.18
CA THR A 28 -8.48 24.30 -11.66
C THR A 28 -8.35 23.09 -10.74
N GLN A 29 -7.48 23.15 -9.71
CA GLN A 29 -7.13 22.00 -8.89
C GLN A 29 -7.94 21.98 -7.60
N PRO A 30 -8.10 20.80 -6.98
CA PRO A 30 -8.88 20.74 -5.73
C PRO A 30 -8.07 21.13 -4.50
N VAL A 31 -7.82 22.45 -4.41
CA VAL A 31 -7.12 23.05 -3.27
C VAL A 31 -7.76 24.37 -2.92
N PRO A 32 -7.71 24.75 -1.65
CA PRO A 32 -8.36 26.00 -1.24
C PRO A 32 -7.69 27.20 -1.88
N LYS A 33 -8.48 28.24 -2.09
CA LYS A 33 -7.94 29.47 -2.66
C LYS A 33 -6.98 30.13 -1.68
N LEU A 34 -5.99 30.83 -2.23
CA LEU A 34 -5.03 31.54 -1.39
C LEU A 34 -5.70 32.54 -0.44
N GLY A 35 -6.84 33.10 -0.86
CA GLY A 35 -7.44 34.17 -0.08
C GLY A 35 -8.19 33.69 1.15
N GLU A 36 -9.02 32.65 0.99
CA GLU A 36 -9.97 32.27 2.02
C GLU A 36 -9.26 31.66 3.24
N VAL A 37 -9.99 31.64 4.36
CA VAL A 37 -9.59 30.91 5.57
C VAL A 37 -10.43 29.66 5.67
N VAL A 38 -9.81 28.55 6.07
CA VAL A 38 -10.44 27.24 6.12
C VAL A 38 -10.90 26.97 7.54
N ASN A 39 -12.18 26.63 7.70
CA ASN A 39 -12.74 26.26 8.99
C ASN A 39 -13.35 24.85 8.99
N THR A 40 -13.15 24.08 7.94
CA THR A 40 -13.65 22.71 7.85
C THR A 40 -12.49 21.71 7.83
N HIS A 41 -12.84 20.43 7.93
CA HIS A 41 -11.88 19.32 7.85
C HIS A 41 -12.42 18.28 6.86
N GLY A 42 -11.77 18.15 5.71
CA GLY A 42 -12.09 17.07 4.81
C GLY A 42 -11.72 17.32 3.37
N PRO A 43 -12.11 16.38 2.50
CA PRO A 43 -11.70 16.46 1.09
C PRO A 43 -12.31 17.67 0.41
N VAL A 44 -11.54 18.28 -0.48
CA VAL A 44 -12.08 19.36 -1.32
C VAL A 44 -13.14 18.82 -2.26
N GLU A 45 -12.92 17.61 -2.78
CA GLU A 45 -13.81 16.98 -3.75
C GLU A 45 -13.85 15.49 -3.43
N PRO A 46 -14.93 14.80 -3.78
CA PRO A 46 -15.03 13.37 -3.46
C PRO A 46 -14.13 12.53 -4.33
N ASP A 47 -13.82 11.33 -3.84
CA ASP A 47 -13.06 10.36 -4.61
C ASP A 47 -13.74 10.09 -5.94
N LYS A 48 -12.94 10.08 -7.00
CA LYS A 48 -13.44 9.71 -8.33
C LYS A 48 -13.54 8.19 -8.42
N ASP A 49 -14.66 7.71 -8.96
CA ASP A 49 -14.84 6.28 -9.18
C ASP A 49 -14.61 5.87 -10.63
N ASN A 50 -14.25 6.80 -11.52
CA ASN A 50 -13.65 6.41 -12.79
C ASN A 50 -12.50 7.36 -13.15
N ILE A 51 -11.39 6.79 -13.61
CA ILE A 51 -10.16 7.54 -13.84
C ILE A 51 -9.78 7.49 -15.32
N ARG A 52 -9.33 8.63 -15.84
CA ARG A 52 -8.86 8.70 -17.22
C ARG A 52 -7.78 7.64 -17.49
N GLN A 53 -8.00 6.81 -18.51
CA GLN A 53 -7.06 5.74 -18.82
C GLN A 53 -5.85 6.20 -19.62
N GLU A 54 -5.94 7.32 -20.28
CA GLU A 54 -4.84 7.62 -21.17
C GLU A 54 -3.94 8.68 -20.54
N PRO A 55 -2.64 8.56 -20.73
CA PRO A 55 -1.73 9.64 -20.34
C PRO A 55 -2.15 10.95 -21.00
N TYR A 56 -1.96 12.04 -20.26
CA TYR A 56 -2.15 13.37 -20.83
C TYR A 56 -1.19 13.61 -21.99
N THR A 57 -1.63 14.44 -22.92
CA THR A 57 -0.87 14.73 -24.13
C THR A 57 0.29 15.67 -23.83
N LEU A 58 1.44 15.31 -24.29
CA LEU A 58 2.61 16.15 -24.15
C LEU A 58 2.79 16.97 -25.40
N PRO A 59 3.51 18.10 -25.33
CA PRO A 59 3.81 18.84 -26.57
C PRO A 59 4.50 17.92 -27.57
N GLN A 60 4.27 18.21 -28.85
CA GLN A 60 4.77 17.34 -29.91
C GLN A 60 6.29 17.20 -29.83
N GLY A 61 6.78 15.98 -30.00
CA GLY A 61 8.19 15.68 -29.90
C GLY A 61 8.64 15.02 -28.61
N PHE A 62 7.74 14.80 -27.66
CA PHE A 62 8.08 14.33 -26.31
C PHE A 62 7.18 13.16 -25.92
N THR A 63 7.72 12.26 -25.10
CA THR A 63 7.00 11.08 -24.67
C THR A 63 7.22 10.83 -23.18
N TRP A 64 6.25 10.16 -22.57
CA TRP A 64 6.34 9.68 -21.21
C TRP A 64 7.26 8.46 -21.14
N ASP A 65 7.89 8.29 -19.98
CA ASP A 65 8.72 7.10 -19.77
C ASP A 65 8.87 6.89 -18.27
N ALA A 66 8.41 5.76 -17.78
CA ALA A 66 8.59 5.39 -16.38
C ALA A 66 10.03 4.92 -16.15
N LEU A 67 10.69 5.48 -15.13
CA LEU A 67 12.13 5.26 -14.92
C LEU A 67 12.36 4.10 -13.97
N ASP A 68 12.92 3.02 -14.48
CA ASP A 68 13.39 1.92 -13.62
C ASP A 68 14.73 2.35 -13.03
N LEU A 69 14.69 2.87 -11.80
CA LEU A 69 15.90 3.32 -11.13
C LEU A 69 16.83 2.17 -10.74
N GLY A 70 16.39 0.91 -10.86
CA GLY A 70 17.29 -0.21 -10.65
C GLY A 70 18.26 -0.41 -11.79
N ASP A 71 17.99 0.18 -12.95
CA ASP A 71 18.96 0.24 -14.04
C ASP A 71 19.92 1.38 -13.73
N ARG A 72 21.20 1.05 -13.49
CA ARG A 72 22.16 2.08 -13.10
C ARG A 72 22.23 3.21 -14.13
N GLY A 73 22.13 2.90 -15.42
CA GLY A 73 22.18 3.95 -16.41
C GLY A 73 20.99 4.89 -16.37
N VAL A 74 19.79 4.36 -16.10
CA VAL A 74 18.61 5.24 -16.02
C VAL A 74 18.70 6.13 -14.78
N LEU A 75 19.06 5.54 -13.64
CA LEU A 75 19.34 6.33 -12.44
C LEU A 75 20.35 7.43 -12.72
N LYS A 76 21.38 7.12 -13.52
CA LYS A 76 22.38 8.14 -13.83
C LYS A 76 21.78 9.30 -14.62
N GLU A 77 20.90 9.00 -15.57
CA GLU A 77 20.25 10.07 -16.33
C GLU A 77 19.44 10.96 -15.41
N LEU A 78 18.72 10.35 -14.46
CA LEU A 78 17.95 11.12 -13.49
C LEU A 78 18.86 11.99 -12.63
N TYR A 79 19.96 11.41 -12.13
CA TYR A 79 20.93 12.20 -11.39
C TYR A 79 21.40 13.41 -12.19
N THR A 80 21.72 13.19 -13.47
CA THR A 80 22.23 14.28 -14.31
C THR A 80 21.16 15.33 -14.58
N LEU A 81 19.93 14.90 -14.87
CA LEU A 81 18.84 15.85 -15.03
C LEU A 81 18.68 16.74 -13.79
N LEU A 82 18.68 16.13 -12.61
CA LEU A 82 18.51 16.92 -11.39
C LEU A 82 19.75 17.73 -11.09
N ASN A 83 20.93 17.14 -11.30
CA ASN A 83 22.16 17.87 -11.02
C ASN A 83 22.27 19.16 -11.83
N GLU A 84 21.64 19.20 -13.01
CA GLU A 84 21.77 20.34 -13.91
C GLU A 84 20.56 21.25 -13.92
N ASN A 85 19.41 20.78 -13.45
CA ASN A 85 18.16 21.53 -13.67
C ASN A 85 17.27 21.62 -12.45
N TYR A 86 17.69 21.11 -11.29
CA TYR A 86 16.81 21.07 -10.13
C TYR A 86 16.90 22.39 -9.35
N VAL A 87 16.55 22.36 -8.05
CA VAL A 87 16.23 23.61 -7.35
C VAL A 87 17.51 24.39 -7.08
N GLU A 88 17.43 25.70 -7.23
CA GLU A 88 18.51 26.62 -6.93
C GLU A 88 18.05 27.62 -5.89
N ASP A 89 19.02 28.28 -5.25
CA ASP A 89 18.71 29.38 -4.36
C ASP A 89 18.23 30.59 -5.16
N ASP A 90 17.89 31.65 -4.43
CA ASP A 90 17.35 32.85 -5.05
C ASP A 90 18.32 33.50 -6.03
N ASP A 91 19.60 33.48 -5.71
CA ASP A 91 20.56 34.23 -6.51
C ASP A 91 21.31 33.36 -7.50
N ASN A 92 20.82 32.14 -7.75
CA ASN A 92 21.44 31.23 -8.72
C ASN A 92 22.92 31.00 -8.38
N MET A 93 23.16 30.73 -7.10
CA MET A 93 24.51 30.49 -6.61
C MET A 93 24.75 29.03 -6.28
N PHE A 94 23.71 28.32 -5.85
CA PHE A 94 23.81 26.94 -5.42
C PHE A 94 22.66 26.14 -6.03
N ARG A 95 22.92 24.87 -6.30
CA ARG A 95 21.91 23.95 -6.80
C ARG A 95 22.02 22.62 -6.06
N PHE A 96 20.87 22.02 -5.71
CA PHE A 96 20.90 20.72 -5.04
C PHE A 96 21.64 19.71 -5.90
N ASP A 97 22.44 18.87 -5.25
CA ASP A 97 23.18 17.80 -5.94
C ASP A 97 22.87 16.46 -5.26
N TYR A 98 21.61 16.01 -5.36
CA TYR A 98 21.23 14.70 -4.84
C TYR A 98 22.06 13.59 -5.48
N SER A 99 22.66 12.74 -4.65
CA SER A 99 23.45 11.65 -5.21
C SER A 99 22.54 10.53 -5.75
N PRO A 100 23.06 9.71 -6.68
CA PRO A 100 22.28 8.56 -7.14
C PRO A 100 21.75 7.69 -6.00
N GLU A 101 22.63 7.32 -5.07
CA GLU A 101 22.24 6.47 -3.95
C GLU A 101 21.21 7.14 -3.04
N PHE A 102 21.29 8.46 -2.88
CA PHE A 102 20.23 9.17 -2.16
C PHE A 102 18.91 9.04 -2.89
N LEU A 103 18.93 9.17 -4.22
CA LEU A 103 17.67 9.12 -4.97
C LEU A 103 17.02 7.77 -4.83
N LEU A 104 17.82 6.70 -4.73
CA LEU A 104 17.26 5.39 -4.48
C LEU A 104 16.62 5.34 -3.09
N TRP A 105 17.26 5.94 -2.10
CA TRP A 105 16.67 5.96 -0.76
C TRP A 105 15.35 6.71 -0.76
N ALA A 106 15.30 7.86 -1.44
CA ALA A 106 14.10 8.68 -1.40
C ALA A 106 12.99 8.18 -2.32
N LEU A 107 13.33 7.44 -3.38
CA LEU A 107 12.34 7.08 -4.36
C LEU A 107 11.93 5.62 -4.31
N ARG A 108 12.66 4.80 -3.57
CA ARG A 108 12.22 3.41 -3.42
C ARG A 108 11.99 3.04 -1.95
N PRO A 109 11.19 3.78 -1.19
CA PRO A 109 10.80 3.30 0.13
C PRO A 109 9.79 2.17 -0.02
N PRO A 110 9.45 1.47 1.06
CA PRO A 110 8.41 0.43 0.98
C PRO A 110 7.17 0.95 0.28
N GLY A 111 6.58 0.10 -0.56
CA GLY A 111 5.40 0.45 -1.32
C GLY A 111 5.62 1.25 -2.58
N TRP A 112 6.86 1.48 -2.99
CA TRP A 112 7.12 2.31 -4.16
C TRP A 112 6.63 1.64 -5.45
N LEU A 113 6.24 2.46 -6.42
CA LEU A 113 5.76 1.90 -7.67
C LEU A 113 6.56 2.44 -8.84
N PRO A 114 6.87 1.60 -9.82
CA PRO A 114 7.65 2.10 -10.97
C PRO A 114 6.94 3.21 -11.71
N GLN A 115 5.63 3.10 -11.94
CA GLN A 115 4.96 4.12 -12.73
C GLN A 115 4.88 5.46 -12.01
N TRP A 116 5.21 5.51 -10.71
CA TRP A 116 5.20 6.75 -9.97
C TRP A 116 6.53 7.51 -10.07
N HIS A 117 7.48 7.01 -10.85
CA HIS A 117 8.73 7.70 -11.21
C HIS A 117 8.52 8.19 -12.64
N CYS A 118 7.83 9.32 -12.76
CA CYS A 118 7.25 9.75 -14.03
C CYS A 118 8.24 10.66 -14.78
N GLY A 119 8.88 10.13 -15.83
CA GLY A 119 9.81 10.90 -16.64
C GLY A 119 9.26 11.36 -17.98
N VAL A 120 9.84 12.45 -18.53
CA VAL A 120 9.60 12.91 -19.91
C VAL A 120 10.90 12.83 -20.71
N ARG A 121 10.82 12.25 -21.91
CA ARG A 121 11.98 12.12 -22.79
C ARG A 121 11.73 12.76 -24.16
N VAL A 122 12.82 13.21 -24.78
CA VAL A 122 12.76 13.66 -26.17
C VAL A 122 12.65 12.43 -27.06
N VAL A 123 11.70 12.46 -27.99
CA VAL A 123 11.45 11.25 -28.79
C VAL A 123 12.67 10.89 -29.62
N SER A 124 13.33 11.87 -30.23
CA SER A 124 14.46 11.57 -31.10
C SER A 124 15.68 11.15 -30.28
N SER A 125 16.16 12.04 -29.40
CA SER A 125 17.40 11.78 -28.69
C SER A 125 17.26 10.84 -27.51
N ARG A 126 16.05 10.67 -26.96
CA ARG A 126 15.79 9.94 -25.71
C ARG A 126 16.29 10.71 -24.49
N LYS A 127 16.70 11.96 -24.66
CA LYS A 127 17.18 12.78 -23.55
C LYS A 127 16.08 12.99 -22.51
N LEU A 128 16.36 12.57 -21.28
CA LEU A 128 15.44 12.84 -20.17
C LEU A 128 15.36 14.34 -19.92
N VAL A 129 14.17 14.92 -20.05
CA VAL A 129 14.02 16.37 -19.92
C VAL A 129 13.00 16.77 -18.87
N GLY A 130 12.35 15.83 -18.20
CA GLY A 130 11.37 16.19 -17.19
C GLY A 130 11.14 15.03 -16.24
N PHE A 131 10.71 15.36 -15.02
CA PHE A 131 10.51 14.31 -14.03
C PHE A 131 9.58 14.82 -12.95
N ILE A 132 8.86 13.88 -12.33
CA ILE A 132 8.12 14.11 -11.09
C ILE A 132 7.93 12.72 -10.49
N SER A 133 7.74 12.64 -9.16
CA SER A 133 7.63 11.36 -8.48
C SER A 133 6.56 11.37 -7.39
N ALA A 134 6.03 10.17 -7.09
CA ALA A 134 5.20 9.94 -5.91
C ALA A 134 5.72 8.75 -5.12
N ILE A 135 5.67 8.85 -3.81
CA ILE A 135 5.83 7.66 -2.97
C ILE A 135 4.64 7.58 -2.03
N PRO A 136 4.21 6.40 -1.62
CA PRO A 136 3.07 6.32 -0.72
C PRO A 136 3.50 6.58 0.72
N ALA A 137 2.58 7.14 1.51
CA ALA A 137 2.85 7.37 2.92
C ALA A 137 1.54 7.57 3.68
N ASN A 138 1.45 6.99 4.86
CA ASN A 138 0.31 7.28 5.71
C ASN A 138 0.57 8.59 6.44
N ILE A 139 -0.32 9.57 6.28
CA ILE A 139 -0.18 10.89 6.86
C ILE A 139 -1.25 11.09 7.92
N HIS A 140 -0.84 11.58 9.08
CA HIS A 140 -1.75 11.99 10.14
C HIS A 140 -1.87 13.50 10.08
N ILE A 141 -3.10 13.99 9.92
CA ILE A 141 -3.39 15.42 9.84
C ILE A 141 -4.56 15.69 10.79
N TYR A 142 -4.31 16.41 11.87
CA TYR A 142 -5.28 16.67 12.94
C TYR A 142 -5.81 15.34 13.41
N ASP A 143 -7.12 15.06 13.27
CA ASP A 143 -7.72 13.85 13.82
C ASP A 143 -7.96 12.79 12.76
N THR A 144 -7.36 12.92 11.60
CA THR A 144 -7.58 11.97 10.51
C THR A 144 -6.24 11.34 10.11
N GLU A 145 -6.27 10.04 9.83
CA GLU A 145 -5.15 9.32 9.23
C GLU A 145 -5.54 8.91 7.82
N LYS A 146 -4.77 9.37 6.83
CA LYS A 146 -5.05 9.08 5.43
C LYS A 146 -3.80 8.49 4.75
N LYS A 147 -4.03 7.41 3.99
CA LYS A 147 -3.12 7.00 2.93
C LYS A 147 -3.06 8.10 1.87
N MET A 148 -1.87 8.65 1.67
CA MET A 148 -1.59 9.69 0.68
C MET A 148 -0.35 9.30 -0.13
N VAL A 149 0.08 10.22 -0.99
CA VAL A 149 1.41 10.17 -1.58
C VAL A 149 2.15 11.44 -1.20
N GLU A 150 3.48 11.33 -1.20
CA GLU A 150 4.39 12.45 -1.17
C GLU A 150 4.92 12.69 -2.58
N ILE A 151 4.76 13.91 -3.08
CA ILE A 151 5.29 14.34 -4.35
C ILE A 151 6.63 15.03 -4.13
N ASN A 152 7.57 14.76 -5.01
CA ASN A 152 8.92 15.29 -4.85
C ASN A 152 9.56 15.31 -6.22
N PHE A 153 10.70 16.00 -6.29
CA PHE A 153 11.56 16.01 -7.48
C PHE A 153 10.84 16.45 -8.76
N LEU A 154 9.99 17.47 -8.65
CA LEU A 154 9.38 18.01 -9.86
C LEU A 154 10.43 18.84 -10.60
N CYS A 155 10.81 18.39 -11.79
CA CYS A 155 11.88 19.03 -12.50
C CYS A 155 11.53 19.12 -13.98
N VAL A 156 11.74 20.29 -14.57
CA VAL A 156 11.67 20.48 -16.01
C VAL A 156 13.01 21.05 -16.47
N HIS A 157 13.54 20.48 -17.55
CA HIS A 157 14.83 20.94 -18.08
C HIS A 157 14.80 22.45 -18.33
N LYS A 158 15.95 23.10 -18.07
CA LYS A 158 16.05 24.55 -18.26
C LYS A 158 15.64 24.98 -19.67
N LYS A 159 15.93 24.17 -20.70
CA LYS A 159 15.57 24.58 -22.05
C LYS A 159 14.07 24.42 -22.35
N LEU A 160 13.34 23.66 -21.54
CA LEU A 160 11.91 23.44 -21.76
C LEU A 160 11.04 24.31 -20.86
N ARG A 161 11.65 25.26 -20.15
CA ARG A 161 10.93 25.98 -19.11
C ARG A 161 9.89 26.92 -19.72
N SER A 162 8.91 27.26 -18.89
CA SER A 162 7.88 28.25 -19.22
C SER A 162 7.04 27.85 -20.42
N LYS A 163 7.01 26.55 -20.76
CA LYS A 163 6.22 26.05 -21.88
C LYS A 163 5.07 25.16 -21.43
N ARG A 164 4.59 25.35 -20.20
CA ARG A 164 3.40 24.70 -19.67
C ARG A 164 3.60 23.22 -19.39
N VAL A 165 4.85 22.77 -19.24
CA VAL A 165 5.13 21.35 -19.05
C VAL A 165 4.88 20.92 -17.61
N ALA A 166 5.12 21.79 -16.66
CA ALA A 166 4.95 21.39 -15.27
C ALA A 166 3.50 21.04 -14.94
N PRO A 167 2.49 21.80 -15.39
CA PRO A 167 1.10 21.36 -15.16
C PRO A 167 0.79 20.00 -15.75
N VAL A 168 1.43 19.63 -16.86
CA VAL A 168 1.20 18.30 -17.43
C VAL A 168 1.76 17.21 -16.51
N LEU A 169 2.99 17.42 -16.01
CA LEU A 169 3.59 16.46 -15.08
C LEU A 169 2.75 16.31 -13.82
N ILE A 170 2.20 17.42 -13.33
CA ILE A 170 1.36 17.35 -12.13
C ILE A 170 0.08 16.59 -12.43
N ARG A 171 -0.56 16.88 -13.56
CA ARG A 171 -1.78 16.20 -13.93
C ARG A 171 -1.53 14.72 -14.19
N GLU A 172 -0.37 14.38 -14.76
CA GLU A 172 -0.13 12.99 -15.08
C GLU A 172 0.22 12.18 -13.84
N ILE A 173 0.94 12.76 -12.87
CA ILE A 173 1.22 11.97 -11.68
C ILE A 173 -0.07 11.83 -10.87
N THR A 174 -0.97 12.82 -10.94
CA THR A 174 -2.24 12.73 -10.24
C THR A 174 -3.06 11.56 -10.79
N ARG A 175 -3.12 11.45 -12.12
CA ARG A 175 -3.86 10.37 -12.75
C ARG A 175 -3.32 9.02 -12.32
N ARG A 176 -2.00 8.85 -12.37
CA ARG A 176 -1.39 7.59 -11.97
C ARG A 176 -1.61 7.30 -10.50
N VAL A 177 -1.69 8.33 -9.65
CA VAL A 177 -1.98 8.10 -8.25
C VAL A 177 -3.45 7.70 -8.09
N HIS A 178 -4.38 8.46 -8.69
CA HIS A 178 -5.80 8.09 -8.74
C HIS A 178 -6.02 6.65 -9.20
N LEU A 179 -5.17 6.14 -10.10
CA LEU A 179 -5.39 4.79 -10.58
C LEU A 179 -5.20 3.76 -9.47
N GLU A 180 -4.43 4.11 -8.44
CA GLU A 180 -4.11 3.22 -7.34
C GLU A 180 -5.00 3.48 -6.14
N GLY A 181 -6.03 4.32 -6.30
CA GLY A 181 -7.00 4.48 -5.25
C GLY A 181 -6.69 5.54 -4.23
N ILE A 182 -5.75 6.44 -4.53
CA ILE A 182 -5.31 7.45 -3.58
C ILE A 182 -5.70 8.84 -4.09
N PHE A 183 -6.23 9.67 -3.20
CA PHE A 183 -6.83 10.93 -3.61
C PHE A 183 -6.33 12.15 -2.86
N GLN A 184 -5.37 11.99 -1.96
CA GLN A 184 -4.74 13.11 -1.26
C GLN A 184 -3.23 13.01 -1.43
N ALA A 185 -2.58 14.16 -1.35
CA ALA A 185 -1.13 14.21 -1.41
C ALA A 185 -0.61 15.31 -0.50
N VAL A 186 0.64 15.14 -0.04
CA VAL A 186 1.37 16.16 0.69
C VAL A 186 2.70 16.44 -0.02
N TYR A 187 3.12 17.71 -0.03
CA TYR A 187 4.35 18.15 -0.69
C TYR A 187 4.74 19.51 -0.14
N THR A 188 6.00 19.88 -0.40
CA THR A 188 6.59 21.15 -0.02
C THR A 188 7.09 21.90 -1.24
N ALA A 189 7.32 23.22 -1.08
CA ALA A 189 7.89 24.05 -2.12
C ALA A 189 8.43 25.35 -1.54
N GLY A 190 9.46 25.88 -2.17
CA GLY A 190 9.94 27.23 -1.88
C GLY A 190 9.05 28.35 -2.39
N VAL A 191 8.09 28.07 -3.27
CA VAL A 191 7.18 29.08 -3.82
C VAL A 191 5.87 29.04 -3.06
N VAL A 192 5.19 30.18 -3.04
CA VAL A 192 3.83 30.24 -2.49
C VAL A 192 2.84 29.80 -3.56
N LEU A 193 2.00 28.85 -3.22
CA LEU A 193 0.95 28.29 -4.06
C LEU A 193 -0.33 28.21 -3.25
N PRO A 194 -1.47 28.07 -3.93
CA PRO A 194 -2.69 27.77 -3.18
C PRO A 194 -2.64 26.33 -2.71
N LYS A 195 -2.69 26.06 -1.40
CA LYS A 195 -2.59 27.06 -0.32
C LYS A 195 -1.90 26.44 0.90
N PRO A 196 -0.91 27.12 1.48
CA PRO A 196 -0.05 26.44 2.46
C PRO A 196 -0.80 26.02 3.71
N VAL A 197 -0.55 24.79 4.17
CA VAL A 197 -1.07 24.36 5.45
C VAL A 197 -0.18 24.85 6.60
N GLY A 198 1.04 25.30 6.28
CA GLY A 198 1.98 25.77 7.27
C GLY A 198 3.25 26.23 6.58
N THR A 199 3.97 27.18 7.18
CA THR A 199 5.15 27.80 6.58
C THR A 199 6.32 27.62 7.54
N CYS A 200 7.36 26.95 7.06
CA CYS A 200 8.57 26.73 7.84
C CYS A 200 9.72 27.53 7.25
N ARG A 201 10.72 27.77 8.08
CA ARG A 201 11.87 28.57 7.70
C ARG A 201 13.13 27.79 7.98
N TYR A 202 14.06 27.81 7.03
CA TYR A 202 15.32 27.13 7.23
C TYR A 202 16.25 28.00 8.06
N TRP A 203 17.00 27.35 8.95
CA TRP A 203 18.09 27.96 9.69
C TRP A 203 19.34 27.17 9.38
N HIS A 204 20.50 27.82 9.53
CA HIS A 204 21.78 27.22 9.16
C HIS A 204 22.79 27.42 10.28
N ARG A 205 23.51 26.37 10.61
CA ARG A 205 24.53 26.37 11.64
C ARG A 205 25.86 26.15 10.95
N SER A 206 26.73 27.15 10.99
CA SER A 206 28.02 27.04 10.31
C SER A 206 28.93 26.06 11.03
N LEU A 207 29.47 25.10 10.29
CA LEU A 207 30.49 24.17 10.78
C LEU A 207 31.87 24.46 10.23
N ASN A 208 31.95 24.87 8.97
N ASN A 208 31.96 24.86 8.95
CA ASN A 208 33.19 25.27 8.29
CA ASN A 208 33.22 25.28 8.32
C ASN A 208 32.99 26.71 7.83
C ASN A 208 33.01 26.70 7.83
N PRO A 209 33.14 27.69 8.73
CA PRO A 209 32.77 29.08 8.38
C PRO A 209 33.67 29.73 7.34
N ARG A 210 34.96 29.40 7.30
CA ARG A 210 35.79 29.93 6.24
C ARG A 210 35.16 29.62 4.88
N LYS A 211 35.04 28.32 4.55
CA LYS A 211 34.45 27.91 3.28
C LYS A 211 33.11 28.59 3.02
N LEU A 212 32.29 28.77 4.05
CA LEU A 212 30.96 29.32 3.81
C LEU A 212 31.02 30.78 3.41
N ILE A 213 32.03 31.50 3.89
CA ILE A 213 32.17 32.91 3.56
C ILE A 213 32.85 33.08 2.20
N GLU A 214 33.87 32.28 1.89
CA GLU A 214 34.53 32.42 0.58
C GLU A 214 33.54 32.19 -0.56
N VAL A 215 32.54 31.32 -0.36
CA VAL A 215 31.59 30.99 -1.42
C VAL A 215 30.32 31.84 -1.33
N LYS A 216 30.23 32.71 -0.33
CA LYS A 216 29.12 33.65 -0.17
C LYS A 216 27.80 32.95 0.14
N PHE A 217 27.88 31.74 0.70
CA PHE A 217 26.71 31.20 1.40
C PHE A 217 26.42 32.06 2.63
N SER A 218 27.47 32.62 3.21
CA SER A 218 27.41 33.56 4.33
C SER A 218 28.48 34.61 4.09
N HIS A 219 28.36 35.77 4.74
CA HIS A 219 29.50 36.68 4.89
C HIS A 219 29.63 37.14 6.34
N LEU A 220 30.75 37.79 6.63
CA LEU A 220 31.04 38.27 7.97
C LEU A 220 30.08 39.37 8.40
N SER A 221 29.82 39.44 9.70
CA SER A 221 29.34 40.69 10.26
C SER A 221 30.41 41.76 10.07
N ARG A 222 29.98 42.99 9.83
CA ARG A 222 30.94 44.10 9.87
C ARG A 222 31.62 44.18 11.23
N ASN A 223 30.87 43.87 12.29
CA ASN A 223 31.30 43.95 13.69
C ASN A 223 32.03 42.71 14.20
N MET A 224 32.24 41.70 13.36
CA MET A 224 32.99 40.51 13.73
C MET A 224 34.10 40.24 12.72
N THR A 225 35.27 39.87 13.21
CA THR A 225 36.36 39.48 12.33
C THR A 225 36.29 37.99 12.00
N MET A 226 37.06 37.60 10.97
CA MET A 226 37.15 36.19 10.61
C MET A 226 37.67 35.35 11.76
N GLN A 227 38.61 35.90 12.54
CA GLN A 227 39.14 35.19 13.70
C GLN A 227 38.04 34.91 14.73
N ARG A 228 37.29 35.95 15.11
CA ARG A 228 36.18 35.78 16.03
C ARG A 228 35.14 34.82 15.47
N THR A 229 34.81 34.95 14.19
CA THR A 229 33.75 34.12 13.62
C THR A 229 34.12 32.65 13.69
N MET A 230 35.40 32.32 13.44
CA MET A 230 35.84 30.94 13.55
C MET A 230 35.72 30.44 15.00
N LYS A 231 36.19 31.24 15.96
CA LYS A 231 36.12 30.85 17.37
C LYS A 231 34.67 30.67 17.81
N LEU A 232 33.78 31.55 17.36
CA LEU A 232 32.38 31.48 17.79
C LEU A 232 31.72 30.19 17.37
N TYR A 233 32.16 29.59 16.26
CA TYR A 233 31.58 28.36 15.74
C TYR A 233 32.42 27.13 16.06
N ARG A 234 33.49 27.28 16.83
CA ARG A 234 34.30 26.12 17.21
C ARG A 234 33.46 25.15 18.03
N LEU A 235 33.61 23.87 17.74
CA LEU A 235 32.87 22.81 18.41
C LEU A 235 33.83 21.87 19.09
N PRO A 236 33.38 21.16 20.14
CA PRO A 236 34.19 20.07 20.71
C PRO A 236 34.46 18.97 19.70
N GLU A 237 35.51 18.18 19.98
CA GLU A 237 35.92 17.11 19.07
C GLU A 237 35.03 15.86 19.18
N THR A 238 34.38 15.62 20.31
CA THR A 238 33.56 14.43 20.49
C THR A 238 32.26 14.81 21.19
N PRO A 239 31.19 14.05 20.98
CA PRO A 239 29.91 14.38 21.61
C PRO A 239 29.93 14.10 23.11
N LYS A 240 29.02 14.75 23.83
CA LYS A 240 29.00 14.71 25.29
C LYS A 240 28.07 13.65 25.87
N THR A 241 27.00 13.27 25.16
CA THR A 241 25.96 12.41 25.74
C THR A 241 26.47 10.99 25.91
N ALA A 242 26.19 10.44 27.10
CA ALA A 242 26.61 9.09 27.45
C ALA A 242 25.90 8.06 26.59
N GLY A 243 26.66 7.11 26.04
CA GLY A 243 26.03 6.01 25.35
C GLY A 243 25.36 6.36 24.04
N LEU A 244 25.69 7.52 23.46
CA LEU A 244 25.36 7.83 22.07
C LEU A 244 26.15 6.91 21.14
N ARG A 245 25.47 6.32 20.15
CA ARG A 245 26.11 5.38 19.25
C ARG A 245 25.26 5.25 17.99
N PRO A 246 25.83 4.78 16.88
CA PRO A 246 25.03 4.66 15.65
C PRO A 246 23.93 3.63 15.79
N MET A 247 22.81 3.90 15.11
CA MET A 247 21.68 2.99 15.15
C MET A 247 22.07 1.65 14.52
N GLU A 248 21.56 0.57 15.11
CA GLU A 248 21.81 -0.79 14.63
C GLU A 248 20.48 -1.49 14.36
N THR A 249 20.57 -2.65 13.72
CA THR A 249 19.37 -3.43 13.42
C THR A 249 18.55 -3.72 14.67
N LYS A 250 19.22 -3.98 15.79
CA LYS A 250 18.50 -4.33 17.02
C LYS A 250 17.68 -3.16 17.56
N ASP A 251 17.92 -1.94 17.09
CA ASP A 251 17.24 -0.75 17.59
C ASP A 251 16.01 -0.38 16.79
N ILE A 252 15.70 -1.09 15.70
CA ILE A 252 14.54 -0.72 14.87
C ILE A 252 13.23 -0.70 15.64
N PRO A 253 12.87 -1.72 16.45
CA PRO A 253 11.59 -1.64 17.17
C PRO A 253 11.51 -0.43 18.07
N VAL A 254 12.60 -0.14 18.80
CA VAL A 254 12.48 0.91 19.81
C VAL A 254 12.53 2.27 19.16
N VAL A 255 13.30 2.42 18.06
CA VAL A 255 13.27 3.68 17.32
C VAL A 255 11.87 3.92 16.77
N HIS A 256 11.25 2.87 16.23
CA HIS A 256 9.85 2.99 15.82
C HIS A 256 8.96 3.40 17.00
N GLN A 257 9.21 2.84 18.18
CA GLN A 257 8.33 3.14 19.29
C GLN A 257 8.50 4.58 19.75
N LEU A 258 9.73 5.00 19.98
CA LEU A 258 9.99 6.39 20.39
C LEU A 258 9.43 7.39 19.37
N LEU A 259 9.63 7.11 18.06
CA LEU A 259 9.12 8.04 17.04
C LEU A 259 7.60 8.13 17.09
N THR A 260 6.92 6.99 17.16
CA THR A 260 5.46 6.99 17.14
C THR A 260 4.88 7.82 18.28
N ARG A 261 5.45 7.70 19.48
CA ARG A 261 4.90 8.41 20.62
C ARG A 261 5.29 9.88 20.58
N TYR A 262 6.50 10.17 20.11
CA TYR A 262 6.93 11.55 20.04
C TYR A 262 6.07 12.36 19.07
N LEU A 263 5.73 11.79 17.90
CA LEU A 263 5.04 12.57 16.89
C LEU A 263 3.60 12.90 17.27
N LYS A 264 3.01 12.22 18.26
CA LYS A 264 1.61 12.45 18.59
C LYS A 264 1.33 13.89 19.02
N GLN A 265 2.35 14.64 19.45
CA GLN A 265 2.12 16.01 19.88
C GLN A 265 2.01 17.00 18.72
N PHE A 266 2.19 16.58 17.47
CA PHE A 266 2.11 17.52 16.35
C PHE A 266 0.86 17.25 15.52
N HIS A 267 0.58 18.14 14.56
CA HIS A 267 -0.68 18.09 13.82
C HIS A 267 -0.55 17.58 12.40
N LEU A 268 0.67 17.50 11.86
CA LEU A 268 0.93 16.93 10.54
C LEU A 268 2.16 16.06 10.68
N THR A 269 1.99 14.74 10.58
CA THR A 269 3.06 13.78 10.86
C THR A 269 2.95 12.57 9.94
N PRO A 270 4.05 11.89 9.69
CA PRO A 270 3.95 10.56 9.08
C PRO A 270 3.52 9.53 10.12
N VAL A 271 2.88 8.48 9.62
CA VAL A 271 2.59 7.28 10.38
C VAL A 271 3.39 6.15 9.73
N MET A 272 4.44 5.70 10.41
CA MET A 272 5.39 4.77 9.80
C MET A 272 5.21 3.35 10.33
N SER A 273 5.22 2.38 9.42
CA SER A 273 5.35 1.01 9.85
C SER A 273 6.79 0.76 10.30
N GLN A 274 7.03 -0.40 10.87
CA GLN A 274 8.38 -0.69 11.32
C GLN A 274 9.32 -0.85 10.14
N GLU A 275 8.81 -1.32 9.00
CA GLU A 275 9.64 -1.44 7.81
C GLU A 275 10.03 -0.06 7.30
N GLU A 276 9.09 0.89 7.34
CA GLU A 276 9.40 2.26 6.94
C GLU A 276 10.44 2.87 7.86
N VAL A 277 10.39 2.55 9.16
CA VAL A 277 11.36 3.08 10.10
C VAL A 277 12.76 2.58 9.75
N GLU A 278 12.89 1.27 9.49
CA GLU A 278 14.15 0.74 8.98
C GLU A 278 14.63 1.54 7.76
N HIS A 279 13.75 1.72 6.78
CA HIS A 279 14.18 2.37 5.54
C HIS A 279 14.65 3.80 5.77
N TRP A 280 13.84 4.61 6.46
CA TRP A 280 14.17 6.00 6.65
C TRP A 280 15.32 6.25 7.63
N PHE A 281 15.57 5.36 8.61
CA PHE A 281 16.52 5.70 9.67
C PHE A 281 17.77 4.82 9.75
N TYR A 282 17.76 3.61 9.23
CA TYR A 282 18.93 2.74 9.35
C TYR A 282 20.11 3.37 8.61
N PRO A 283 21.24 3.60 9.27
CA PRO A 283 22.26 4.49 8.70
C PRO A 283 22.79 4.00 7.35
N GLN A 284 22.88 4.92 6.40
CA GLN A 284 23.54 4.63 5.13
C GLN A 284 24.55 5.73 4.89
N GLU A 285 25.79 5.35 4.68
CA GLU A 285 26.87 6.31 4.56
C GLU A 285 26.59 7.29 3.42
N ASN A 286 26.72 8.57 3.72
CA ASN A 286 26.49 9.66 2.78
C ASN A 286 25.03 9.74 2.37
N ILE A 287 24.13 9.19 3.17
CA ILE A 287 22.72 9.31 2.87
C ILE A 287 21.98 9.77 4.11
N ILE A 288 21.95 8.90 5.12
CA ILE A 288 21.20 9.10 6.34
C ILE A 288 22.02 8.60 7.51
N ASP A 289 22.11 9.41 8.56
CA ASP A 289 22.77 9.03 9.80
C ASP A 289 21.76 9.07 10.94
N THR A 290 21.80 8.03 11.79
CA THR A 290 20.98 7.97 12.99
C THR A 290 21.84 7.49 14.14
N PHE A 291 21.80 8.23 15.26
CA PHE A 291 22.48 7.84 16.48
C PHE A 291 21.45 7.69 17.59
N VAL A 292 21.57 6.62 18.37
CA VAL A 292 20.67 6.37 19.48
C VAL A 292 21.44 6.63 20.77
N VAL A 293 20.69 6.81 21.86
CA VAL A 293 21.24 6.91 23.21
C VAL A 293 20.82 5.65 23.96
N GLU A 294 21.78 4.75 24.18
CA GLU A 294 21.57 3.60 25.04
C GLU A 294 22.11 3.95 26.42
N ASN A 295 21.25 3.89 27.44
CA ASN A 295 21.66 4.40 28.76
C ASN A 295 22.37 3.30 29.55
N ALA A 296 22.60 3.57 30.85
CA ALA A 296 23.34 2.67 31.74
C ALA A 296 22.59 1.37 32.01
N ASN A 297 21.28 1.34 31.78
CA ASN A 297 20.50 0.12 31.90
C ASN A 297 20.40 -0.65 30.60
N GLY A 298 20.99 -0.14 29.52
CA GLY A 298 20.85 -0.78 28.23
C GLY A 298 19.60 -0.42 27.45
N GLU A 299 18.90 0.65 27.83
CA GLU A 299 17.67 1.03 27.13
C GLU A 299 17.91 2.23 26.21
N VAL A 300 17.32 2.20 25.03
CA VAL A 300 17.42 3.30 24.10
C VAL A 300 16.35 4.32 24.43
N THR A 301 16.75 5.53 24.77
CA THR A 301 15.79 6.53 25.24
C THR A 301 15.66 7.73 24.32
N ASP A 302 16.63 7.95 23.43
CA ASP A 302 16.61 9.11 22.55
C ASP A 302 17.31 8.73 21.24
N PHE A 303 17.06 9.52 20.19
CA PHE A 303 17.83 9.36 18.97
C PHE A 303 17.83 10.67 18.19
N LEU A 304 18.87 10.84 17.38
CA LEU A 304 19.00 11.99 16.48
C LEU A 304 19.27 11.46 15.06
N SER A 305 18.88 12.25 14.06
CA SER A 305 19.07 11.82 12.69
C SER A 305 19.19 13.06 11.79
N PHE A 306 20.03 12.92 10.78
CA PHE A 306 20.20 13.94 9.76
C PHE A 306 20.56 13.25 8.46
N TYR A 307 20.12 13.83 7.35
CA TYR A 307 20.44 13.26 6.05
C TYR A 307 21.41 14.16 5.29
N THR A 308 21.99 13.59 4.25
CA THR A 308 23.11 14.18 3.54
C THR A 308 22.66 14.70 2.18
N LEU A 309 22.78 16.00 1.98
CA LEU A 309 22.34 16.63 0.73
C LEU A 309 23.33 17.74 0.37
N PRO A 310 24.34 17.42 -0.42
CA PRO A 310 25.27 18.43 -0.89
C PRO A 310 24.66 19.30 -1.98
N SER A 311 25.33 20.41 -2.28
CA SER A 311 24.90 21.30 -3.35
C SER A 311 26.06 21.66 -4.26
N THR A 312 25.75 21.89 -5.53
CA THR A 312 26.75 22.40 -6.45
C THR A 312 26.94 23.91 -6.21
N ILE A 313 28.20 24.34 -6.21
CA ILE A 313 28.52 25.77 -6.16
C ILE A 313 28.78 26.23 -7.60
N MET A 314 27.83 26.95 -8.18
CA MET A 314 27.92 27.26 -9.60
C MET A 314 28.87 28.43 -9.88
N ASN A 315 29.65 28.31 -10.96
CA ASN A 315 30.49 29.39 -11.46
C ASN A 315 31.64 29.74 -10.52
N HIS A 316 32.15 28.76 -9.76
CA HIS A 316 33.25 29.07 -8.86
C HIS A 316 34.50 28.29 -9.25
N PRO A 317 35.64 28.97 -9.41
CA PRO A 317 36.84 28.27 -9.92
C PRO A 317 37.48 27.31 -8.95
N THR A 318 37.32 27.49 -7.64
CA THR A 318 38.00 26.65 -6.66
C THR A 318 37.06 25.73 -5.89
N HIS A 319 36.03 26.28 -5.26
CA HIS A 319 35.07 25.49 -4.49
C HIS A 319 33.91 25.04 -5.37
N LYS A 320 33.77 23.73 -5.54
CA LYS A 320 32.75 23.15 -6.40
C LYS A 320 31.49 22.68 -5.67
N SER A 321 31.58 22.24 -4.42
CA SER A 321 30.41 21.68 -3.74
C SER A 321 30.37 22.11 -2.30
N LEU A 322 29.16 22.26 -1.80
CA LEU A 322 28.86 22.56 -0.42
C LEU A 322 28.24 21.33 0.24
N LYS A 323 28.89 20.79 1.27
CA LYS A 323 28.43 19.58 1.94
C LYS A 323 27.47 19.95 3.07
N ALA A 324 26.19 19.62 2.91
CA ALA A 324 25.16 20.02 3.84
C ALA A 324 24.55 18.79 4.52
N ALA A 325 24.34 18.92 5.83
CA ALA A 325 23.58 17.98 6.63
C ALA A 325 22.24 18.62 6.96
N TYR A 326 21.17 17.82 6.88
CA TYR A 326 19.82 18.29 7.12
C TYR A 326 19.22 17.55 8.31
N SER A 327 18.76 18.29 9.30
CA SER A 327 18.05 17.69 10.43
C SER A 327 16.83 16.91 9.94
N PHE A 328 16.62 15.73 10.51
CA PHE A 328 15.56 14.84 10.05
C PHE A 328 14.56 14.71 11.19
N TYR A 329 14.57 13.62 11.97
CA TYR A 329 13.74 13.47 13.16
C TYR A 329 14.63 13.29 14.38
N ASN A 330 14.35 14.08 15.42
CA ASN A 330 15.10 14.04 16.67
C ASN A 330 14.12 13.83 17.82
N VAL A 331 14.23 12.69 18.50
CA VAL A 331 13.33 12.29 19.57
C VAL A 331 14.09 12.29 20.88
N HIS A 332 13.54 12.98 21.88
CA HIS A 332 14.11 13.01 23.23
C HIS A 332 13.05 12.55 24.23
N THR A 333 13.43 11.65 25.14
CA THR A 333 12.63 11.36 26.34
C THR A 333 13.42 11.43 27.65
N GLN A 334 14.75 11.40 27.61
CA GLN A 334 15.59 11.49 28.81
C GLN A 334 16.72 12.48 28.65
N THR A 335 17.38 12.49 27.53
CA THR A 335 18.37 13.49 27.17
C THR A 335 17.67 14.78 26.75
N PRO A 336 18.16 15.94 27.20
CA PRO A 336 17.58 17.20 26.73
C PRO A 336 17.84 17.37 25.26
N LEU A 337 16.83 17.90 24.56
CA LEU A 337 16.93 18.14 23.12
C LEU A 337 18.15 18.97 22.76
N LEU A 338 18.40 20.03 23.53
CA LEU A 338 19.54 20.90 23.23
C LEU A 338 20.89 20.18 23.29
N ASP A 339 21.05 19.23 24.22
CA ASP A 339 22.24 18.38 24.19
C ASP A 339 22.19 17.36 23.06
N LEU A 340 20.99 16.95 22.67
CA LEU A 340 20.86 16.04 21.53
C LEU A 340 21.36 16.71 20.26
N MET A 341 20.94 17.96 20.04
CA MET A 341 21.30 18.68 18.81
C MET A 341 22.74 19.17 18.86
N SER A 342 23.24 19.41 20.06
CA SER A 342 24.65 19.73 20.23
C SER A 342 25.54 18.58 19.76
N ASP A 343 25.17 17.35 20.14
CA ASP A 343 25.89 16.19 19.63
C ASP A 343 25.68 16.00 18.12
N ALA A 344 24.52 16.37 17.58
CA ALA A 344 24.35 16.29 16.13
C ALA A 344 25.34 17.18 15.41
N LEU A 345 25.54 18.40 15.91
CA LEU A 345 26.48 19.35 15.30
C LEU A 345 27.89 18.79 15.33
N VAL A 346 28.31 18.24 16.47
CA VAL A 346 29.64 17.65 16.60
C VAL A 346 29.80 16.48 15.61
N LEU A 347 28.78 15.63 15.51
CA LEU A 347 28.90 14.48 14.63
C LEU A 347 28.96 14.92 13.17
N ALA A 348 28.18 15.94 12.81
CA ALA A 348 28.22 16.50 11.46
C ALA A 348 29.57 17.15 11.17
N LYS A 349 30.10 17.93 12.12
CA LYS A 349 31.44 18.47 12.00
C LYS A 349 32.47 17.34 11.80
N MET A 350 32.39 16.30 12.63
CA MET A 350 33.33 15.19 12.53
C MET A 350 33.29 14.54 11.16
N LYS A 351 32.12 14.51 10.53
CA LYS A 351 31.96 13.79 9.27
C LYS A 351 32.30 14.64 8.05
N GLY A 352 32.69 15.89 8.22
CA GLY A 352 33.13 16.70 7.10
C GLY A 352 32.13 17.69 6.58
N PHE A 353 31.00 17.88 7.26
CA PHE A 353 29.97 18.77 6.73
C PHE A 353 30.39 20.22 6.90
N ASP A 354 29.96 21.06 5.96
CA ASP A 354 30.27 22.49 6.04
C ASP A 354 29.18 23.28 6.74
N VAL A 355 27.95 22.79 6.74
CA VAL A 355 26.85 23.50 7.37
C VAL A 355 25.82 22.46 7.80
N PHE A 356 25.03 22.83 8.81
CA PHE A 356 23.99 21.95 9.35
C PHE A 356 22.69 22.74 9.26
N ASN A 357 21.74 22.21 8.50
CA ASN A 357 20.46 22.89 8.29
C ASN A 357 19.36 22.27 9.15
N ALA A 358 18.44 23.11 9.59
CA ALA A 358 17.27 22.63 10.31
C ALA A 358 16.14 23.63 10.11
N LEU A 359 14.91 23.12 10.09
CA LEU A 359 13.75 23.98 9.94
C LEU A 359 13.28 24.43 11.32
N ASP A 360 12.33 25.36 11.35
CA ASP A 360 11.79 25.87 12.59
C ASP A 360 10.54 25.12 13.03
N LEU A 361 10.35 23.88 12.56
CA LEU A 361 9.16 23.11 12.89
C LEU A 361 9.41 22.26 14.13
N MET A 362 8.41 21.44 14.50
CA MET A 362 8.48 20.59 15.70
C MET A 362 8.93 21.50 16.84
N GLU A 363 9.93 21.11 17.64
CA GLU A 363 10.36 21.95 18.75
C GLU A 363 11.69 22.61 18.47
N ASN A 364 12.02 22.77 17.18
CA ASN A 364 13.35 23.20 16.83
C ASN A 364 13.63 24.63 17.30
N LYS A 365 12.59 25.47 17.46
CA LYS A 365 12.85 26.85 17.86
C LYS A 365 13.50 26.92 19.25
N THR A 366 13.16 25.97 20.13
CA THR A 366 13.77 25.96 21.44
C THR A 366 15.28 25.81 21.41
N PHE A 367 15.90 25.41 20.29
CA PHE A 367 17.35 25.29 20.31
C PHE A 367 18.09 26.07 19.24
N LEU A 368 17.39 26.69 18.28
CA LEU A 368 18.08 27.23 17.11
C LEU A 368 19.01 28.38 17.48
N GLU A 369 18.51 29.38 18.20
CA GLU A 369 19.34 30.52 18.57
C GLU A 369 20.41 30.10 19.57
N LYS A 370 20.05 29.27 20.55
CA LYS A 370 21.03 28.88 21.56
C LYS A 370 22.21 28.16 20.93
N LEU A 371 21.96 27.30 19.95
CA LEU A 371 23.03 26.52 19.36
C LEU A 371 23.69 27.24 18.19
N LYS A 372 23.40 28.54 18.00
CA LYS A 372 24.13 29.42 17.09
C LYS A 372 23.76 29.20 15.61
N PHE A 373 22.52 28.82 15.35
CA PHE A 373 22.05 28.81 13.98
C PHE A 373 21.79 30.25 13.52
N GLY A 374 21.96 30.49 12.22
CA GLY A 374 21.51 31.73 11.59
C GLY A 374 20.31 31.48 10.70
N ILE A 375 19.32 32.38 10.80
CA ILE A 375 18.11 32.27 10.00
C ILE A 375 18.42 32.38 8.51
N GLY A 376 17.72 31.58 7.71
CA GLY A 376 17.92 31.57 6.28
C GLY A 376 16.99 32.52 5.55
N ASP A 377 17.18 32.59 4.24
CA ASP A 377 16.32 33.42 3.39
C ASP A 377 15.20 32.65 2.72
N GLY A 378 15.19 31.32 2.82
CA GLY A 378 14.15 30.55 2.16
C GLY A 378 13.09 29.98 3.09
N ASN A 379 11.83 30.35 2.84
CA ASN A 379 10.70 29.64 3.42
C ASN A 379 10.43 28.33 2.68
N LEU A 380 10.07 27.31 3.46
CA LEU A 380 9.59 26.03 2.94
C LEU A 380 8.11 25.94 3.29
N GLN A 381 7.27 25.94 2.25
CA GLN A 381 5.81 25.84 2.41
C GLN A 381 5.38 24.38 2.39
N TYR A 382 4.39 24.05 3.24
CA TYR A 382 3.81 22.71 3.29
C TYR A 382 2.41 22.74 2.70
N TYR A 383 2.08 21.71 1.92
CA TYR A 383 0.82 21.68 1.19
C TYR A 383 0.17 20.32 1.27
N LEU A 384 -1.17 20.33 1.37
CA LEU A 384 -2.02 19.17 1.15
C LEU A 384 -2.84 19.36 -0.12
N TYR A 385 -3.02 18.28 -0.88
CA TYR A 385 -3.83 18.30 -2.11
C TYR A 385 -5.13 17.57 -1.87
N ASN A 386 -6.25 18.24 -2.16
CA ASN A 386 -7.60 17.69 -1.95
C ASN A 386 -7.86 17.40 -0.48
N TRP A 387 -7.32 18.25 0.39
CA TRP A 387 -7.64 18.17 1.82
C TRP A 387 -7.79 19.57 2.36
N LYS A 388 -8.97 19.87 2.90
CA LYS A 388 -9.29 21.17 3.47
C LYS A 388 -9.15 21.06 4.98
N CYS A 389 -8.30 21.91 5.56
CA CYS A 389 -8.10 21.92 7.01
C CYS A 389 -7.46 23.24 7.38
N PRO A 390 -7.61 23.68 8.63
CA PRO A 390 -6.97 24.94 9.05
C PRO A 390 -5.45 24.86 8.97
N SER A 391 -4.83 25.99 8.66
CA SER A 391 -3.38 26.08 8.72
C SER A 391 -2.89 25.96 10.18
N MET A 392 -1.57 25.84 10.33
CA MET A 392 -0.96 25.57 11.62
C MET A 392 0.39 26.26 11.66
N GLY A 393 0.82 26.64 12.86
CA GLY A 393 2.15 27.19 13.00
C GLY A 393 3.22 26.14 12.77
N ALA A 394 4.43 26.63 12.45
CA ALA A 394 5.54 25.74 12.15
C ALA A 394 5.77 24.70 13.25
N GLU A 395 5.64 25.11 14.52
CA GLU A 395 5.93 24.19 15.62
C GLU A 395 4.91 23.06 15.74
N LYS A 396 3.82 23.10 14.98
CA LYS A 396 2.93 21.95 14.94
C LYS A 396 3.20 21.04 13.74
N VAL A 397 4.16 21.38 12.89
CA VAL A 397 4.44 20.56 11.72
C VAL A 397 5.44 19.48 12.14
N GLY A 398 5.05 18.22 11.99
CA GLY A 398 5.94 17.16 12.40
C GLY A 398 6.30 16.22 11.27
N LEU A 399 6.64 16.78 10.10
CA LEU A 399 6.92 15.98 8.92
C LEU A 399 8.10 16.59 8.20
N VAL A 400 9.11 15.77 7.89
CA VAL A 400 10.31 16.24 7.22
C VAL A 400 10.49 15.41 5.95
N LEU A 401 10.42 16.07 4.79
CA LEU A 401 10.69 15.43 3.50
C LEU A 401 12.16 15.61 3.10
N GLN A 402 12.53 15.05 1.95
CA GLN A 402 13.90 15.14 1.44
C GLN A 402 14.07 16.17 0.34
N PRO B 11 -12.09 -30.72 14.17
CA PRO B 11 -12.71 -29.68 13.34
C PRO B 11 -14.22 -29.56 13.56
N ALA B 12 -14.72 -28.32 13.61
CA ALA B 12 -16.13 -28.02 13.86
C ALA B 12 -16.73 -27.36 12.64
N LYS B 13 -17.82 -27.94 12.12
CA LYS B 13 -18.53 -27.41 10.96
C LYS B 13 -19.85 -26.74 11.32
N THR B 14 -20.45 -27.07 12.47
CA THR B 14 -21.63 -26.39 12.98
C THR B 14 -21.27 -25.58 14.22
N MET B 15 -22.04 -24.52 14.47
CA MET B 15 -21.80 -23.68 15.66
C MET B 15 -22.24 -24.41 16.94
N GLU B 16 -23.24 -25.28 16.84
CA GLU B 16 -23.61 -26.14 17.96
C GLU B 16 -22.45 -27.07 18.33
N GLU B 17 -21.84 -27.72 17.33
CA GLU B 17 -20.57 -28.42 17.53
C GLU B 17 -19.50 -27.52 18.17
N ALA B 18 -19.30 -26.33 17.59
CA ALA B 18 -18.26 -25.43 18.05
C ALA B 18 -18.41 -25.05 19.52
N SER B 19 -19.65 -24.87 19.99
CA SER B 19 -19.85 -24.41 21.37
C SER B 19 -19.28 -25.38 22.38
N LYS B 20 -19.29 -26.68 22.07
CA LYS B 20 -18.75 -27.68 23.00
C LYS B 20 -17.23 -27.58 23.07
N ARG B 21 -16.60 -27.12 21.99
CA ARG B 21 -15.15 -27.13 21.87
C ARG B 21 -14.52 -26.06 22.77
N SER B 22 -13.20 -26.20 22.97
CA SER B 22 -12.33 -25.16 23.52
C SER B 22 -11.18 -24.91 22.55
N TYR B 23 -10.78 -23.65 22.40
CA TYR B 23 -9.83 -23.24 21.37
C TYR B 23 -8.51 -22.74 21.97
N GLN B 24 -7.55 -23.66 22.15
CA GLN B 24 -6.32 -23.32 22.86
C GLN B 24 -5.54 -22.24 22.12
N PHE B 25 -5.50 -22.30 20.80
CA PHE B 25 -4.86 -21.21 20.07
C PHE B 25 -5.77 -19.98 19.97
N TRP B 26 -6.95 -20.15 19.36
CA TRP B 26 -7.77 -18.98 19.05
C TRP B 26 -8.21 -18.19 20.29
N ASP B 27 -8.26 -18.83 21.47
CA ASP B 27 -8.49 -18.09 22.71
C ASP B 27 -7.38 -17.10 23.04
N THR B 28 -6.16 -17.29 22.53
CA THR B 28 -5.11 -16.30 22.73
C THR B 28 -5.16 -15.15 21.73
N GLN B 29 -6.05 -15.18 20.74
CA GLN B 29 -5.98 -14.25 19.62
C GLN B 29 -6.91 -13.05 19.84
N PRO B 30 -6.67 -11.99 19.21
CA PRO B 30 -7.60 -10.85 19.37
C PRO B 30 -8.83 -10.99 18.49
N VAL B 31 -9.66 -12.00 18.78
CA VAL B 31 -10.95 -12.16 18.13
C VAL B 31 -12.02 -12.32 19.22
N PRO B 32 -13.29 -12.02 18.95
CA PRO B 32 -14.31 -12.16 20.00
C PRO B 32 -14.60 -13.63 20.31
N LYS B 33 -15.09 -13.88 21.53
CA LYS B 33 -15.42 -15.25 21.92
C LYS B 33 -16.69 -15.73 21.23
N LEU B 34 -16.79 -17.05 21.05
CA LEU B 34 -17.91 -17.61 20.30
C LEU B 34 -19.25 -17.27 20.92
N GLY B 35 -19.35 -17.35 22.25
CA GLY B 35 -20.63 -17.09 22.88
C GLY B 35 -21.10 -15.66 22.75
N GLU B 36 -20.17 -14.70 22.90
CA GLU B 36 -20.53 -13.31 23.11
C GLU B 36 -21.24 -12.73 21.90
N VAL B 37 -22.21 -11.85 22.16
CA VAL B 37 -22.89 -11.08 21.12
C VAL B 37 -22.28 -9.69 21.14
N VAL B 38 -21.93 -9.18 19.97
CA VAL B 38 -21.11 -7.99 19.85
C VAL B 38 -21.98 -6.82 19.41
N ASN B 39 -21.81 -5.68 20.09
CA ASN B 39 -22.50 -4.46 19.69
C ASN B 39 -21.58 -3.26 19.51
N THR B 40 -20.27 -3.45 19.61
CA THR B 40 -19.28 -2.42 19.42
C THR B 40 -18.72 -2.48 17.98
N HIS B 41 -17.83 -1.52 17.66
CA HIS B 41 -17.25 -1.39 16.31
C HIS B 41 -15.82 -0.91 16.48
N GLY B 42 -14.85 -1.83 16.47
CA GLY B 42 -13.47 -1.42 16.49
C GLY B 42 -12.49 -2.52 16.80
N PRO B 43 -11.22 -2.16 16.95
CA PRO B 43 -10.17 -3.17 17.18
C PRO B 43 -10.27 -3.79 18.56
N VAL B 44 -9.81 -5.03 18.64
CA VAL B 44 -9.70 -5.65 19.96
C VAL B 44 -8.48 -5.13 20.72
N GLU B 45 -7.34 -4.99 20.05
CA GLU B 45 -6.10 -4.59 20.69
C GLU B 45 -5.47 -3.44 19.92
N PRO B 46 -4.62 -2.63 20.57
CA PRO B 46 -4.00 -1.50 19.89
C PRO B 46 -2.99 -1.92 18.84
N ASP B 47 -2.92 -1.12 17.77
CA ASP B 47 -1.81 -1.20 16.83
C ASP B 47 -0.50 -1.24 17.59
N LYS B 48 0.39 -2.14 17.17
CA LYS B 48 1.68 -2.33 17.84
C LYS B 48 2.72 -1.37 17.30
N ASP B 49 3.32 -0.55 18.16
CA ASP B 49 4.44 0.28 17.73
C ASP B 49 5.78 -0.38 18.05
N ASN B 50 5.78 -1.69 18.21
CA ASN B 50 6.89 -2.47 18.72
C ASN B 50 6.66 -3.90 18.25
N ILE B 51 7.34 -4.38 17.20
CA ILE B 51 7.02 -5.68 16.61
C ILE B 51 8.25 -6.59 16.67
N ARG B 52 8.02 -7.83 17.10
CA ARG B 52 9.02 -8.89 17.09
C ARG B 52 9.80 -8.93 15.79
N GLN B 53 11.14 -8.88 15.88
CA GLN B 53 11.92 -8.89 14.64
C GLN B 53 12.24 -10.30 14.17
N GLU B 54 12.23 -11.24 15.06
CA GLU B 54 12.65 -12.61 14.77
C GLU B 54 11.44 -13.48 14.44
N PRO B 55 11.56 -14.33 13.42
CA PRO B 55 10.49 -15.28 13.13
C PRO B 55 10.22 -16.21 14.28
N TYR B 56 8.98 -16.72 14.32
CA TYR B 56 8.61 -17.69 15.32
C TYR B 56 9.34 -19.02 15.09
N THR B 57 9.41 -19.80 16.16
CA THR B 57 10.19 -21.04 16.17
C THR B 57 9.38 -22.19 15.58
N LEU B 58 9.84 -22.73 14.46
CA LEU B 58 9.22 -23.94 13.92
C LEU B 58 9.73 -25.17 14.66
N PRO B 59 9.02 -26.30 14.55
CA PRO B 59 9.55 -27.56 15.08
C PRO B 59 10.92 -27.87 14.49
N GLN B 60 11.72 -28.61 15.25
CA GLN B 60 13.06 -28.96 14.83
C GLN B 60 13.01 -29.63 13.46
N GLY B 61 13.90 -29.21 12.57
CA GLY B 61 13.92 -29.83 11.26
C GLY B 61 13.12 -29.12 10.20
N PHE B 62 12.52 -27.96 10.50
CA PHE B 62 11.72 -27.20 9.55
C PHE B 62 12.14 -25.74 9.60
N THR B 63 11.99 -25.05 8.47
CA THR B 63 12.43 -23.66 8.35
C THR B 63 11.46 -22.87 7.48
N TRP B 64 11.46 -21.55 7.68
CA TRP B 64 10.72 -20.58 6.85
C TRP B 64 11.40 -20.34 5.52
N ASP B 65 10.59 -20.01 4.52
CA ASP B 65 11.08 -19.50 3.24
C ASP B 65 9.97 -18.70 2.58
N ALA B 66 10.30 -17.50 2.10
CA ALA B 66 9.34 -16.69 1.34
C ALA B 66 9.35 -17.14 -0.13
N LEU B 67 8.19 -17.49 -0.66
CA LEU B 67 8.11 -18.12 -1.98
C LEU B 67 7.99 -17.06 -3.07
N ASP B 68 9.00 -16.97 -3.94
CA ASP B 68 8.96 -16.04 -5.07
C ASP B 68 8.26 -16.77 -6.22
N LEU B 69 6.99 -16.43 -6.46
CA LEU B 69 6.20 -17.15 -7.45
C LEU B 69 6.58 -16.79 -8.87
N GLY B 70 7.36 -15.72 -9.07
CA GLY B 70 7.92 -15.42 -10.38
C GLY B 70 8.88 -16.47 -10.83
N ASP B 71 9.48 -17.21 -9.90
CA ASP B 71 10.26 -18.39 -10.22
C ASP B 71 9.32 -19.54 -10.55
N ARG B 72 9.42 -20.07 -11.78
CA ARG B 72 8.46 -21.08 -12.23
C ARG B 72 8.57 -22.35 -11.40
N GLY B 73 9.79 -22.75 -11.05
CA GLY B 73 9.97 -23.93 -10.22
C GLY B 73 9.37 -23.77 -8.83
N VAL B 74 9.41 -22.57 -8.27
CA VAL B 74 8.82 -22.36 -6.95
C VAL B 74 7.30 -22.43 -7.05
N LEU B 75 6.73 -21.77 -8.06
CA LEU B 75 5.30 -21.83 -8.30
C LEU B 75 4.83 -23.27 -8.45
N LYS B 76 5.57 -24.05 -9.22
CA LYS B 76 5.25 -25.46 -9.37
C LYS B 76 5.23 -26.18 -8.02
N GLU B 77 6.19 -25.89 -7.13
CA GLU B 77 6.19 -26.52 -5.80
C GLU B 77 4.92 -26.18 -5.03
N LEU B 78 4.57 -24.90 -4.96
CA LEU B 78 3.32 -24.50 -4.32
C LEU B 78 2.11 -25.18 -4.98
N TYR B 79 2.04 -25.16 -6.32
CA TYR B 79 0.97 -25.87 -7.02
C TYR B 79 0.90 -27.33 -6.58
N THR B 80 2.05 -27.97 -6.40
CA THR B 80 2.06 -29.38 -6.02
C THR B 80 1.63 -29.58 -4.56
N LEU B 81 2.14 -28.75 -3.65
CA LEU B 81 1.66 -28.77 -2.28
C LEU B 81 0.14 -28.62 -2.19
N LEU B 82 -0.41 -27.60 -2.86
CA LEU B 82 -1.85 -27.38 -2.79
C LEU B 82 -2.61 -28.48 -3.52
N ASN B 83 -2.09 -28.94 -4.67
CA ASN B 83 -2.78 -30.01 -5.40
C ASN B 83 -2.90 -31.27 -4.56
N GLU B 84 -1.96 -31.51 -3.63
CA GLU B 84 -2.00 -32.78 -2.91
C GLU B 84 -2.47 -32.67 -1.47
N ASN B 85 -2.51 -31.45 -0.88
CA ASN B 85 -2.84 -31.35 0.54
C ASN B 85 -3.83 -30.21 0.88
N TYR B 86 -4.54 -29.63 -0.08
CA TYR B 86 -5.42 -28.51 0.24
C TYR B 86 -6.86 -29.00 0.47
N VAL B 87 -7.81 -28.08 0.38
CA VAL B 87 -9.16 -28.32 0.88
C VAL B 87 -9.83 -29.42 0.08
N GLU B 88 -10.50 -30.31 0.79
CA GLU B 88 -11.33 -31.33 0.18
C GLU B 88 -12.78 -31.17 0.64
N ASP B 89 -13.70 -31.78 -0.11
CA ASP B 89 -15.10 -31.79 0.29
C ASP B 89 -15.31 -32.70 1.50
N ASP B 90 -16.48 -32.54 2.12
CA ASP B 90 -16.77 -33.25 3.37
C ASP B 90 -16.58 -34.76 3.25
N ASP B 91 -16.96 -35.35 2.12
CA ASP B 91 -16.91 -36.79 1.96
C ASP B 91 -15.64 -37.26 1.22
N ASN B 92 -14.61 -36.39 1.17
CA ASN B 92 -13.27 -36.77 0.72
C ASN B 92 -13.26 -37.37 -0.69
N MET B 93 -14.03 -36.75 -1.59
CA MET B 93 -14.08 -37.22 -2.97
C MET B 93 -13.40 -36.29 -3.95
N PHE B 94 -13.33 -34.98 -3.64
CA PHE B 94 -12.77 -33.98 -4.54
C PHE B 94 -11.91 -32.98 -3.77
N ARG B 95 -10.77 -32.64 -4.36
CA ARG B 95 -9.88 -31.60 -3.87
C ARG B 95 -9.72 -30.51 -4.92
N PHE B 96 -9.68 -29.25 -4.45
CA PHE B 96 -9.33 -28.12 -5.32
C PHE B 96 -8.05 -28.40 -6.10
N ASP B 97 -8.07 -28.04 -7.39
CA ASP B 97 -6.90 -28.17 -8.24
C ASP B 97 -6.55 -26.79 -8.81
N TYR B 98 -6.09 -25.90 -7.94
CA TYR B 98 -5.70 -24.56 -8.37
C TYR B 98 -4.57 -24.66 -9.39
N SER B 99 -4.68 -23.91 -10.50
CA SER B 99 -3.61 -23.97 -11.49
C SER B 99 -2.51 -22.95 -11.19
N PRO B 100 -1.29 -23.19 -11.67
CA PRO B 100 -0.21 -22.21 -11.47
C PRO B 100 -0.56 -20.78 -11.82
N GLU B 101 -1.25 -20.58 -12.95
CA GLU B 101 -1.64 -19.24 -13.40
C GLU B 101 -2.74 -18.65 -12.53
N PHE B 102 -3.69 -19.48 -12.09
CA PHE B 102 -4.65 -19.02 -11.09
C PHE B 102 -3.93 -18.51 -9.85
N LEU B 103 -2.95 -19.27 -9.35
CA LEU B 103 -2.24 -18.84 -8.16
C LEU B 103 -1.57 -17.49 -8.37
N LEU B 104 -0.95 -17.28 -9.54
CA LEU B 104 -0.35 -15.97 -9.84
C LEU B 104 -1.39 -14.86 -9.78
N TRP B 105 -2.60 -15.16 -10.27
CA TRP B 105 -3.66 -14.15 -10.26
C TRP B 105 -4.09 -13.84 -8.82
N ALA B 106 -4.35 -14.89 -8.01
CA ALA B 106 -4.81 -14.71 -6.64
C ALA B 106 -3.72 -14.19 -5.69
N LEU B 107 -2.44 -14.52 -5.94
CA LEU B 107 -1.37 -14.18 -5.00
C LEU B 107 -0.52 -13.00 -5.44
N ARG B 108 -0.70 -12.47 -6.64
CA ARG B 108 0.01 -11.26 -7.07
C ARG B 108 -0.91 -10.13 -7.55
N PRO B 109 -1.96 -9.78 -6.79
CA PRO B 109 -2.72 -8.57 -7.13
C PRO B 109 -1.88 -7.34 -6.84
N PRO B 110 -2.29 -6.15 -7.25
CA PRO B 110 -1.53 -4.94 -6.92
C PRO B 110 -1.19 -4.89 -5.43
N GLY B 111 0.07 -4.58 -5.12
CA GLY B 111 0.51 -4.42 -3.75
C GLY B 111 1.04 -5.68 -3.11
N TRP B 112 1.14 -6.77 -3.87
CA TRP B 112 1.56 -8.03 -3.28
C TRP B 112 3.00 -7.94 -2.80
N LEU B 113 3.32 -8.69 -1.73
CA LEU B 113 4.67 -8.74 -1.18
C LEU B 113 5.16 -10.18 -1.17
N PRO B 114 6.41 -10.43 -1.56
CA PRO B 114 6.90 -11.82 -1.53
C PRO B 114 7.03 -12.36 -0.13
N GLN B 115 7.41 -11.52 0.87
CA GLN B 115 7.48 -12.06 2.23
C GLN B 115 6.11 -12.52 2.73
N TRP B 116 5.03 -12.08 2.09
CA TRP B 116 3.69 -12.54 2.44
C TRP B 116 3.30 -13.83 1.72
N HIS B 117 4.25 -14.50 1.07
CA HIS B 117 4.06 -15.85 0.53
C HIS B 117 4.87 -16.81 1.40
N CYS B 118 4.30 -17.13 2.57
CA CYS B 118 5.11 -17.65 3.68
C CYS B 118 5.11 -19.18 3.66
N GLY B 119 6.22 -19.77 3.17
CA GLY B 119 6.36 -21.22 3.11
C GLY B 119 7.09 -21.81 4.31
N VAL B 120 6.87 -23.11 4.52
CA VAL B 120 7.64 -23.92 5.47
C VAL B 120 8.31 -25.03 4.68
N ARG B 121 9.61 -25.22 4.89
CA ARG B 121 10.37 -26.24 4.18
C ARG B 121 11.12 -27.13 5.17
N VAL B 122 11.18 -28.43 4.85
CA VAL B 122 12.11 -29.34 5.51
C VAL B 122 13.54 -28.81 5.35
N VAL B 123 14.26 -28.71 6.47
CA VAL B 123 15.62 -28.16 6.45
C VAL B 123 16.53 -28.98 5.52
N SER B 124 16.53 -30.31 5.69
CA SER B 124 17.52 -31.14 5.00
C SER B 124 17.25 -31.22 3.50
N SER B 125 16.00 -31.46 3.11
CA SER B 125 15.65 -31.68 1.71
C SER B 125 15.08 -30.44 1.02
N ARG B 126 14.78 -29.38 1.76
CA ARG B 126 14.16 -28.15 1.23
C ARG B 126 12.75 -28.39 0.68
N LYS B 127 12.14 -29.54 0.94
CA LYS B 127 10.81 -29.86 0.42
C LYS B 127 9.77 -28.94 1.06
N LEU B 128 8.85 -28.46 0.22
CA LEU B 128 7.82 -27.53 0.68
C LEU B 128 6.71 -28.32 1.35
N VAL B 129 6.47 -28.06 2.65
CA VAL B 129 5.49 -28.83 3.41
C VAL B 129 4.44 -27.96 4.08
N GLY B 130 4.46 -26.64 3.89
CA GLY B 130 3.51 -25.76 4.55
C GLY B 130 3.46 -24.40 3.88
N PHE B 131 2.27 -23.77 3.94
CA PHE B 131 2.14 -22.48 3.29
C PHE B 131 1.02 -21.66 3.92
N ILE B 132 1.13 -20.34 3.79
CA ILE B 132 0.04 -19.41 4.09
C ILE B 132 0.41 -18.10 3.42
N SER B 133 -0.58 -17.29 3.08
CA SER B 133 -0.32 -16.06 2.34
C SER B 133 -1.20 -14.92 2.78
N ALA B 134 -0.72 -13.71 2.51
CA ALA B 134 -1.49 -12.48 2.67
C ALA B 134 -1.39 -11.63 1.41
N ILE B 135 -2.50 -10.98 1.07
CA ILE B 135 -2.53 -9.97 0.00
C ILE B 135 -3.23 -8.75 0.56
N PRO B 136 -2.86 -7.54 0.15
CA PRO B 136 -3.45 -6.35 0.75
C PRO B 136 -4.80 -6.06 0.14
N ALA B 137 -5.72 -5.56 0.96
CA ALA B 137 -7.04 -5.10 0.47
C ALA B 137 -7.59 -4.01 1.39
N ASN B 138 -8.24 -3.03 0.79
CA ASN B 138 -9.05 -2.11 1.57
C ASN B 138 -10.42 -2.73 1.75
N ILE B 139 -10.86 -2.82 3.00
CA ILE B 139 -12.11 -3.49 3.35
C ILE B 139 -13.05 -2.47 4.00
N HIS B 140 -14.28 -2.45 3.50
CA HIS B 140 -15.35 -1.65 4.11
C HIS B 140 -16.17 -2.58 4.99
N ILE B 141 -16.22 -2.28 6.29
CA ILE B 141 -17.03 -3.06 7.23
C ILE B 141 -17.92 -2.06 7.98
N TYR B 142 -19.22 -2.19 7.81
CA TYR B 142 -20.22 -1.25 8.33
C TYR B 142 -19.81 0.16 7.93
N ASP B 143 -19.47 1.05 8.89
CA ASP B 143 -19.17 2.45 8.63
C ASP B 143 -17.68 2.74 8.64
N THR B 144 -16.83 1.72 8.59
CA THR B 144 -15.39 1.90 8.60
C THR B 144 -14.77 1.28 7.36
N GLU B 145 -13.86 2.03 6.74
CA GLU B 145 -12.95 1.54 5.72
C GLU B 145 -11.54 1.45 6.29
N LYS B 146 -10.84 0.37 5.98
CA LYS B 146 -9.68 -0.01 6.77
C LYS B 146 -8.73 -0.80 5.88
N LYS B 147 -7.44 -0.51 5.98
CA LYS B 147 -6.41 -1.28 5.28
C LYS B 147 -6.22 -2.61 5.99
N MET B 148 -6.42 -3.72 5.26
CA MET B 148 -6.27 -5.05 5.83
C MET B 148 -5.52 -5.92 4.84
N VAL B 149 -5.37 -7.19 5.22
CA VAL B 149 -4.94 -8.22 4.29
C VAL B 149 -6.02 -9.28 4.22
N GLU B 150 -6.00 -10.03 3.14
CA GLU B 150 -6.77 -11.26 3.02
C GLU B 150 -5.84 -12.45 3.16
N ILE B 151 -6.16 -13.34 4.08
CA ILE B 151 -5.38 -14.53 4.30
C ILE B 151 -5.99 -15.66 3.50
N ASN B 152 -5.14 -16.50 2.91
CA ASN B 152 -5.64 -17.57 2.06
C ASN B 152 -4.55 -18.64 1.94
N PHE B 153 -4.97 -19.82 1.48
CA PHE B 153 -4.10 -20.96 1.15
C PHE B 153 -3.29 -21.48 2.34
N LEU B 154 -3.84 -21.40 3.56
CA LEU B 154 -3.22 -22.07 4.70
C LEU B 154 -3.25 -23.58 4.48
N CYS B 155 -2.07 -24.19 4.43
CA CYS B 155 -1.96 -25.56 4.01
C CYS B 155 -0.75 -26.20 4.69
N VAL B 156 -1.00 -27.33 5.36
CA VAL B 156 0.03 -28.15 6.00
C VAL B 156 0.00 -29.53 5.36
N HIS B 157 1.15 -30.00 4.89
CA HIS B 157 1.28 -31.34 4.30
C HIS B 157 0.61 -32.40 5.18
N LYS B 158 -0.07 -33.36 4.53
CA LYS B 158 -0.87 -34.37 5.22
C LYS B 158 -0.05 -35.13 6.26
N LYS B 159 1.26 -35.21 6.08
CA LYS B 159 2.08 -35.94 7.03
C LYS B 159 2.61 -35.09 8.19
N LEU B 160 2.45 -33.76 8.14
CA LEU B 160 2.78 -32.87 9.26
C LEU B 160 1.56 -32.43 10.05
N ARG B 161 0.40 -33.03 9.79
CA ARG B 161 -0.84 -32.53 10.34
C ARG B 161 -0.96 -32.86 11.83
N SER B 162 -1.78 -32.07 12.52
CA SER B 162 -2.06 -32.24 13.96
C SER B 162 -0.80 -32.10 14.81
N LYS B 163 0.17 -31.31 14.36
CA LYS B 163 1.41 -31.11 15.12
C LYS B 163 1.63 -29.65 15.49
N ARG B 164 0.56 -28.85 15.51
CA ARG B 164 0.60 -27.43 15.87
C ARG B 164 1.36 -26.56 14.88
N VAL B 165 1.55 -27.00 13.63
CA VAL B 165 2.20 -26.13 12.66
C VAL B 165 1.27 -24.98 12.23
N ALA B 166 -0.03 -25.26 12.07
CA ALA B 166 -0.96 -24.22 11.62
C ALA B 166 -0.92 -22.97 12.50
N PRO B 167 -0.95 -23.06 13.85
CA PRO B 167 -0.86 -21.84 14.66
C PRO B 167 0.45 -21.09 14.44
N VAL B 168 1.55 -21.80 14.19
CA VAL B 168 2.80 -21.11 13.96
C VAL B 168 2.75 -20.34 12.65
N LEU B 169 2.22 -20.98 11.60
CA LEU B 169 1.99 -20.29 10.34
C LEU B 169 1.14 -19.04 10.56
N ILE B 170 0.07 -19.16 11.34
CA ILE B 170 -0.79 -17.99 11.53
C ILE B 170 -0.03 -16.89 12.27
N ARG B 171 0.78 -17.27 13.25
N ARG B 171 0.76 -17.26 13.28
CA ARG B 171 1.57 -16.30 14.00
CA ARG B 171 1.52 -16.25 14.01
C ARG B 171 2.59 -15.60 13.13
C ARG B 171 2.60 -15.59 13.15
N GLU B 172 3.20 -16.33 12.20
CA GLU B 172 4.28 -15.74 11.41
C GLU B 172 3.74 -14.79 10.35
N ILE B 173 2.66 -15.17 9.67
CA ILE B 173 2.09 -14.22 8.70
C ILE B 173 1.53 -13.00 9.44
N THR B 174 0.97 -13.18 10.64
CA THR B 174 0.54 -12.02 11.44
C THR B 174 1.72 -11.08 11.71
N ARG B 175 2.85 -11.63 12.17
CA ARG B 175 4.02 -10.83 12.46
C ARG B 175 4.54 -10.11 11.21
N ARG B 176 4.59 -10.82 10.08
CA ARG B 176 5.05 -10.21 8.83
C ARG B 176 4.10 -9.11 8.36
N VAL B 177 2.80 -9.27 8.61
CA VAL B 177 1.83 -8.23 8.25
C VAL B 177 1.95 -7.04 9.19
N HIS B 178 2.17 -7.29 10.49
CA HIS B 178 2.42 -6.18 11.42
C HIS B 178 3.62 -5.33 11.00
N LEU B 179 4.69 -6.00 10.51
CA LEU B 179 5.88 -5.26 10.11
C LEU B 179 5.54 -4.17 9.11
N GLU B 180 4.51 -4.39 8.31
CA GLU B 180 4.13 -3.44 7.28
C GLU B 180 3.03 -2.50 7.75
N GLY B 181 2.74 -2.48 9.05
CA GLY B 181 1.82 -1.51 9.60
C GLY B 181 0.35 -1.81 9.38
N ILE B 182 -0.01 -3.07 9.22
CA ILE B 182 -1.39 -3.50 9.03
C ILE B 182 -1.77 -4.34 10.24
N PHE B 183 -3.01 -4.19 10.71
CA PHE B 183 -3.38 -4.82 11.98
C PHE B 183 -4.75 -5.48 11.94
N GLN B 184 -5.41 -5.50 10.79
CA GLN B 184 -6.67 -6.19 10.60
C GLN B 184 -6.55 -7.15 9.41
N ALA B 185 -7.29 -8.25 9.46
CA ALA B 185 -7.31 -9.20 8.35
C ALA B 185 -8.73 -9.72 8.16
N VAL B 186 -9.00 -10.19 6.95
CA VAL B 186 -10.25 -10.88 6.64
C VAL B 186 -9.91 -12.24 6.03
N TYR B 187 -10.69 -13.25 6.39
CA TYR B 187 -10.48 -14.58 5.86
C TYR B 187 -11.78 -15.35 5.98
N THR B 188 -11.86 -16.45 5.22
CA THR B 188 -12.94 -17.41 5.27
C THR B 188 -12.40 -18.78 5.63
N ALA B 189 -13.30 -19.67 6.07
CA ALA B 189 -12.99 -21.08 6.33
C ALA B 189 -14.27 -21.90 6.35
N GLY B 190 -14.11 -23.20 6.12
CA GLY B 190 -15.19 -24.15 6.25
C GLY B 190 -15.51 -24.53 7.68
N VAL B 191 -14.54 -24.38 8.59
CA VAL B 191 -14.71 -24.77 9.99
C VAL B 191 -15.18 -23.57 10.79
N VAL B 192 -15.82 -23.83 11.92
CA VAL B 192 -16.29 -22.78 12.82
C VAL B 192 -15.18 -22.46 13.82
N LEU B 193 -14.79 -21.20 13.85
CA LEU B 193 -13.77 -20.67 14.74
C LEU B 193 -14.34 -19.47 15.46
N PRO B 194 -13.73 -19.04 16.57
CA PRO B 194 -14.05 -17.70 17.05
C PRO B 194 -13.53 -16.61 16.08
N LYS B 195 -14.39 -15.75 15.55
CA LYS B 195 -15.86 -15.90 15.58
C LYS B 195 -16.44 -15.32 14.30
N PRO B 196 -17.30 -16.08 13.62
CA PRO B 196 -17.78 -15.67 12.29
C PRO B 196 -18.47 -14.30 12.30
N VAL B 197 -18.07 -13.44 11.36
CA VAL B 197 -18.85 -12.22 11.15
C VAL B 197 -20.11 -12.53 10.34
N GLY B 198 -20.10 -13.64 9.60
CA GLY B 198 -21.21 -14.01 8.73
C GLY B 198 -21.07 -15.43 8.24
N THR B 199 -22.19 -16.15 8.08
CA THR B 199 -22.17 -17.53 7.64
C THR B 199 -22.88 -17.64 6.30
N CYS B 200 -22.15 -18.02 5.25
CA CYS B 200 -22.72 -18.23 3.93
C CYS B 200 -22.77 -19.70 3.59
N ARG B 201 -23.60 -20.03 2.61
CA ARG B 201 -23.76 -21.39 2.14
C ARG B 201 -23.54 -21.47 0.64
N TYR B 202 -22.88 -22.53 0.18
CA TYR B 202 -22.66 -22.79 -1.24
C TYR B 202 -23.85 -23.51 -1.85
N TRP B 203 -24.20 -23.10 -3.07
CA TRP B 203 -25.18 -23.77 -3.89
C TRP B 203 -24.51 -24.18 -5.21
N HIS B 204 -25.11 -25.16 -5.87
CA HIS B 204 -24.54 -25.78 -7.05
C HIS B 204 -25.61 -25.86 -8.14
N ARG B 205 -25.22 -25.52 -9.36
CA ARG B 205 -26.11 -25.57 -10.52
C ARG B 205 -25.47 -26.49 -11.56
N SER B 206 -26.07 -27.66 -11.76
CA SER B 206 -25.52 -28.62 -12.72
C SER B 206 -25.59 -28.03 -14.11
N LEU B 207 -24.49 -28.18 -14.85
CA LEU B 207 -24.45 -27.85 -16.27
C LEU B 207 -24.24 -29.08 -17.14
N ASN B 208 -23.45 -30.04 -16.67
CA ASN B 208 -23.26 -31.32 -17.33
C ASN B 208 -23.70 -32.38 -16.32
N PRO B 209 -25.01 -32.65 -16.22
CA PRO B 209 -25.52 -33.54 -15.15
C PRO B 209 -25.03 -34.98 -15.28
N ARG B 210 -24.80 -35.46 -16.50
CA ARG B 210 -24.33 -36.84 -16.66
C ARG B 210 -23.00 -37.04 -15.95
N LYS B 211 -22.00 -36.20 -16.28
CA LYS B 211 -20.69 -36.36 -15.66
C LYS B 211 -20.75 -36.18 -14.16
N LEU B 212 -21.55 -35.21 -13.68
CA LEU B 212 -21.64 -34.98 -12.24
C LEU B 212 -22.15 -36.21 -11.52
N ILE B 213 -23.10 -36.93 -12.13
CA ILE B 213 -23.61 -38.14 -11.50
C ILE B 213 -22.61 -39.30 -11.64
N GLU B 214 -21.89 -39.37 -12.76
CA GLU B 214 -20.86 -40.40 -12.91
C GLU B 214 -19.81 -40.30 -11.81
N VAL B 215 -19.25 -39.11 -11.58
CA VAL B 215 -18.20 -38.93 -10.58
C VAL B 215 -18.78 -38.74 -9.19
N LYS B 216 -20.10 -38.93 -9.04
CA LYS B 216 -20.79 -38.92 -7.75
C LYS B 216 -20.71 -37.56 -7.04
N PHE B 217 -20.52 -36.47 -7.79
CA PHE B 217 -20.74 -35.14 -7.24
C PHE B 217 -22.21 -34.92 -6.91
N SER B 218 -23.11 -35.48 -7.70
CA SER B 218 -24.54 -35.40 -7.45
C SER B 218 -25.13 -36.79 -7.63
N HIS B 219 -26.36 -36.97 -7.21
CA HIS B 219 -27.01 -38.27 -7.32
C HIS B 219 -28.36 -38.14 -8.02
N LEU B 220 -28.63 -39.07 -8.94
CA LEU B 220 -29.94 -39.19 -9.55
C LEU B 220 -31.04 -39.14 -8.50
N SER B 221 -31.76 -38.01 -8.41
CA SER B 221 -32.78 -37.81 -7.37
C SER B 221 -33.90 -38.85 -7.47
N ASN B 223 -37.46 -40.12 -7.58
CA ASN B 223 -36.78 -40.89 -8.62
C ASN B 223 -36.97 -40.26 -10.00
N MET B 224 -35.86 -40.10 -10.72
CA MET B 224 -35.84 -39.46 -12.03
C MET B 224 -34.89 -40.21 -12.93
N THR B 225 -35.25 -40.39 -14.20
CA THR B 225 -34.30 -40.93 -15.15
C THR B 225 -33.13 -39.97 -15.30
N MET B 226 -32.04 -40.48 -15.86
CA MET B 226 -30.98 -39.61 -16.35
C MET B 226 -31.49 -38.67 -17.43
N GLN B 227 -32.39 -39.18 -18.29
CA GLN B 227 -33.00 -38.36 -19.34
C GLN B 227 -33.79 -37.20 -18.75
N ARG B 228 -34.63 -37.48 -17.74
CA ARG B 228 -35.41 -36.43 -17.09
C ARG B 228 -34.50 -35.41 -16.41
N THR B 229 -33.34 -35.87 -15.91
CA THR B 229 -32.42 -34.98 -15.24
C THR B 229 -31.83 -33.98 -16.23
N MET B 230 -31.43 -34.47 -17.41
CA MET B 230 -30.84 -33.60 -18.41
C MET B 230 -31.85 -32.61 -18.98
N LYS B 231 -33.11 -33.03 -19.14
CA LYS B 231 -34.09 -32.09 -19.70
C LYS B 231 -34.37 -30.95 -18.73
N LEU B 232 -34.34 -31.23 -17.44
CA LEU B 232 -34.60 -30.17 -16.47
C LEU B 232 -33.45 -29.15 -16.44
N TYR B 233 -32.21 -29.60 -16.62
CA TYR B 233 -31.05 -28.74 -16.59
C TYR B 233 -30.67 -28.21 -17.96
N ARG B 234 -31.45 -28.51 -19.00
CA ARG B 234 -31.12 -28.02 -20.34
C ARG B 234 -31.07 -26.49 -20.33
N LEU B 235 -30.09 -25.95 -21.04
CA LEU B 235 -29.94 -24.52 -21.16
C LEU B 235 -29.93 -24.14 -22.63
N PRO B 236 -30.38 -22.93 -22.98
CA PRO B 236 -30.23 -22.46 -24.36
C PRO B 236 -28.77 -22.40 -24.75
N GLU B 237 -28.53 -22.25 -26.05
CA GLU B 237 -27.16 -22.30 -26.55
C GLU B 237 -26.45 -20.95 -26.56
N THR B 238 -27.19 -19.84 -26.51
CA THR B 238 -26.62 -18.50 -26.51
C THR B 238 -27.36 -17.66 -25.48
N PRO B 239 -26.67 -16.74 -24.82
CA PRO B 239 -27.32 -15.94 -23.77
C PRO B 239 -28.43 -15.06 -24.34
N LYS B 240 -29.39 -14.75 -23.46
CA LYS B 240 -30.57 -13.98 -23.82
C LYS B 240 -30.36 -12.47 -23.83
N THR B 241 -29.43 -11.94 -23.03
CA THR B 241 -29.40 -10.50 -22.80
C THR B 241 -28.76 -9.78 -23.99
N ALA B 242 -29.40 -8.69 -24.42
CA ALA B 242 -28.94 -7.88 -25.53
C ALA B 242 -27.70 -7.09 -25.16
N GLY B 243 -26.68 -7.18 -26.01
CA GLY B 243 -25.49 -6.38 -25.81
C GLY B 243 -24.42 -7.04 -24.97
N LEU B 244 -24.60 -8.29 -24.60
CA LEU B 244 -23.67 -9.03 -23.77
C LEU B 244 -22.42 -9.35 -24.58
N ARG B 245 -21.26 -8.96 -24.06
CA ARG B 245 -20.00 -9.19 -24.75
C ARG B 245 -18.90 -9.26 -23.71
N PRO B 246 -17.76 -9.87 -24.04
CA PRO B 246 -16.66 -9.93 -23.08
C PRO B 246 -16.18 -8.53 -22.68
N MET B 247 -15.73 -8.42 -21.44
CA MET B 247 -15.16 -7.16 -20.95
C MET B 247 -13.88 -6.84 -21.72
N GLU B 248 -13.70 -5.57 -22.06
CA GLU B 248 -12.49 -5.09 -22.72
C GLU B 248 -11.83 -4.03 -21.87
N THR B 249 -10.62 -3.64 -22.31
CA THR B 249 -9.83 -2.61 -21.62
C THR B 249 -10.62 -1.32 -21.45
N LYS B 250 -11.33 -0.87 -22.49
CA LYS B 250 -12.12 0.34 -22.37
C LYS B 250 -13.23 0.22 -21.34
N ASP B 251 -13.53 -0.99 -20.85
CA ASP B 251 -14.62 -1.14 -19.89
C ASP B 251 -14.15 -1.03 -18.44
N ILE B 252 -12.83 -0.92 -18.21
CA ILE B 252 -12.32 -0.90 -16.83
C ILE B 252 -12.86 0.26 -16.02
N PRO B 253 -12.91 1.51 -16.52
CA PRO B 253 -13.43 2.58 -15.67
C PRO B 253 -14.89 2.42 -15.30
N VAL B 254 -15.75 2.03 -16.27
CA VAL B 254 -17.16 1.92 -15.95
C VAL B 254 -17.43 0.67 -15.10
N VAL B 255 -16.68 -0.42 -15.34
CA VAL B 255 -16.81 -1.58 -14.47
C VAL B 255 -16.46 -1.22 -13.03
N HIS B 256 -15.37 -0.45 -12.86
CA HIS B 256 -15.02 0.08 -11.55
C HIS B 256 -16.15 0.95 -10.98
N GLN B 257 -16.77 1.79 -11.82
CA GLN B 257 -17.83 2.67 -11.33
C GLN B 257 -19.05 1.86 -10.92
N LEU B 258 -19.44 0.89 -11.76
CA LEU B 258 -20.61 0.07 -11.50
C LEU B 258 -20.43 -0.77 -10.24
N LEU B 259 -19.24 -1.37 -10.07
CA LEU B 259 -18.96 -2.13 -8.86
C LEU B 259 -19.05 -1.25 -7.62
N THR B 260 -18.36 -0.11 -7.62
CA THR B 260 -18.28 0.67 -6.40
C THR B 260 -19.66 1.11 -5.92
N ARG B 261 -20.50 1.55 -6.85
CA ARG B 261 -21.84 1.98 -6.46
C ARG B 261 -22.67 0.80 -5.98
N TYR B 262 -22.56 -0.35 -6.64
CA TYR B 262 -23.36 -1.49 -6.28
C TYR B 262 -23.01 -2.04 -4.89
N LEU B 263 -21.73 -1.97 -4.49
CA LEU B 263 -21.32 -2.60 -3.24
C LEU B 263 -21.68 -1.77 -2.01
N LYS B 264 -22.09 -0.51 -2.18
CA LYS B 264 -22.52 0.29 -1.02
C LYS B 264 -23.74 -0.32 -0.31
N GLN B 265 -24.52 -1.16 -0.99
CA GLN B 265 -25.62 -1.90 -0.37
C GLN B 265 -25.18 -2.70 0.85
N PHE B 266 -23.98 -3.26 0.84
CA PHE B 266 -23.66 -4.34 1.75
C PHE B 266 -22.79 -3.84 2.90
N HIS B 267 -22.54 -4.72 3.86
CA HIS B 267 -21.85 -4.34 5.09
C HIS B 267 -20.41 -4.84 5.17
N LEU B 268 -20.01 -5.78 4.31
CA LEU B 268 -18.62 -6.25 4.24
C LEU B 268 -18.25 -6.32 2.76
N THR B 269 -17.45 -5.39 2.27
CA THR B 269 -17.13 -5.32 0.85
C THR B 269 -15.68 -4.89 0.63
N PRO B 270 -15.11 -5.23 -0.52
CA PRO B 270 -13.82 -4.66 -0.88
C PRO B 270 -14.00 -3.23 -1.39
N VAL B 271 -12.98 -2.42 -1.20
CA VAL B 271 -12.88 -1.11 -1.82
C VAL B 271 -11.73 -1.20 -2.82
N MET B 272 -12.06 -1.22 -4.11
CA MET B 272 -11.10 -1.49 -5.16
C MET B 272 -10.73 -0.20 -5.88
N SER B 273 -9.42 0.00 -6.09
CA SER B 273 -8.97 0.99 -7.05
C SER B 273 -9.23 0.50 -8.47
N GLN B 274 -9.00 1.38 -9.44
CA GLN B 274 -9.25 0.99 -10.83
C GLN B 274 -8.22 -0.04 -11.29
N GLU B 275 -6.98 0.04 -10.78
CA GLU B 275 -5.96 -0.95 -11.07
C GLU B 275 -6.30 -2.32 -10.47
N GLU B 276 -6.86 -2.33 -9.25
CA GLU B 276 -7.36 -3.58 -8.70
C GLU B 276 -8.53 -4.13 -9.50
N VAL B 277 -9.46 -3.27 -9.92
CA VAL B 277 -10.56 -3.73 -10.77
C VAL B 277 -10.01 -4.42 -12.01
N GLU B 278 -8.99 -3.83 -12.64
CA GLU B 278 -8.42 -4.44 -13.82
C GLU B 278 -7.87 -5.83 -13.50
N HIS B 279 -7.11 -5.94 -12.41
CA HIS B 279 -6.52 -7.23 -12.06
C HIS B 279 -7.59 -8.29 -11.82
N TRP B 280 -8.58 -8.00 -10.99
CA TRP B 280 -9.58 -9.01 -10.62
C TRP B 280 -10.62 -9.32 -11.70
N PHE B 281 -10.87 -8.42 -12.66
CA PHE B 281 -11.97 -8.65 -13.58
C PHE B 281 -11.56 -8.82 -15.04
N TYR B 282 -10.47 -8.21 -15.48
CA TYR B 282 -10.12 -8.29 -16.89
C TYR B 282 -9.90 -9.75 -17.30
N PRO B 283 -10.58 -10.23 -18.35
CA PRO B 283 -10.67 -11.68 -18.58
C PRO B 283 -9.30 -12.34 -18.83
N GLN B 284 -9.09 -13.47 -18.16
CA GLN B 284 -7.96 -14.35 -18.44
C GLN B 284 -8.48 -15.77 -18.57
N GLU B 285 -8.21 -16.38 -19.73
CA GLU B 285 -8.70 -17.72 -20.03
C GLU B 285 -8.33 -18.71 -18.94
N ASN B 286 -9.31 -19.51 -18.52
CA ASN B 286 -9.15 -20.53 -17.47
C ASN B 286 -8.86 -19.91 -16.11
N ILE B 287 -8.94 -18.59 -15.96
CA ILE B 287 -8.77 -17.94 -14.67
C ILE B 287 -10.08 -17.25 -14.32
N ILE B 288 -10.41 -16.20 -15.09
CA ILE B 288 -11.47 -15.26 -14.75
C ILE B 288 -12.16 -14.82 -16.04
N ASP B 289 -13.49 -14.83 -16.03
CA ASP B 289 -14.33 -14.36 -17.12
C ASP B 289 -15.18 -13.19 -16.63
N THR B 290 -15.26 -12.12 -17.44
CA THR B 290 -16.16 -11.01 -17.19
C THR B 290 -16.87 -10.65 -18.48
N PHE B 291 -18.20 -10.54 -18.41
CA PHE B 291 -19.03 -10.16 -19.54
C PHE B 291 -19.82 -8.93 -19.16
N VAL B 292 -19.74 -7.89 -19.99
CA VAL B 292 -20.48 -6.66 -19.77
C VAL B 292 -21.72 -6.66 -20.66
N VAL B 293 -22.72 -5.90 -20.22
CA VAL B 293 -23.88 -5.55 -21.03
C VAL B 293 -23.70 -4.11 -21.51
N GLU B 294 -23.49 -3.95 -22.81
CA GLU B 294 -23.45 -2.66 -23.48
C GLU B 294 -24.74 -2.49 -24.28
N ASN B 295 -25.49 -1.41 -24.00
CA ASN B 295 -26.86 -1.31 -24.48
C ASN B 295 -26.94 -0.58 -25.84
N ALA B 296 -28.16 -0.25 -26.28
CA ALA B 296 -28.36 0.37 -27.59
C ALA B 296 -27.77 1.78 -27.66
N ASN B 297 -27.54 2.41 -26.52
CA ASN B 297 -26.90 3.70 -26.49
C ASN B 297 -25.37 3.61 -26.43
N GLY B 298 -24.80 2.41 -26.32
CA GLY B 298 -23.38 2.29 -26.12
C GLY B 298 -22.94 2.35 -24.66
N GLU B 299 -23.88 2.39 -23.72
CA GLU B 299 -23.56 2.48 -22.31
C GLU B 299 -23.50 1.09 -21.71
N VAL B 300 -22.44 0.80 -20.97
CA VAL B 300 -22.32 -0.41 -20.17
C VAL B 300 -23.10 -0.22 -18.87
N THR B 301 -24.10 -1.09 -18.66
CA THR B 301 -25.01 -0.99 -17.54
C THR B 301 -24.94 -2.16 -16.55
N ASP B 302 -24.43 -3.33 -16.95
CA ASP B 302 -24.38 -4.48 -16.06
C ASP B 302 -23.13 -5.30 -16.39
N PHE B 303 -22.70 -6.13 -15.44
CA PHE B 303 -21.68 -7.11 -15.77
C PHE B 303 -21.81 -8.30 -14.84
N LEU B 304 -21.40 -9.47 -15.35
CA LEU B 304 -21.34 -10.71 -14.60
C LEU B 304 -19.93 -11.24 -14.67
N SER B 305 -19.53 -12.00 -13.64
CA SER B 305 -18.19 -12.58 -13.62
C SER B 305 -18.18 -13.88 -12.83
N PHE B 306 -17.25 -14.76 -13.21
CA PHE B 306 -17.05 -16.01 -12.49
C PHE B 306 -15.62 -16.48 -12.73
N TYR B 307 -15.05 -17.15 -11.72
CA TYR B 307 -13.71 -17.69 -11.87
C TYR B 307 -13.73 -19.23 -11.99
N THR B 308 -12.59 -19.74 -12.46
CA THR B 308 -12.38 -21.12 -12.83
C THR B 308 -11.61 -21.83 -11.73
N LEU B 309 -12.24 -22.82 -11.08
CA LEU B 309 -11.55 -23.62 -10.08
C LEU B 309 -11.90 -25.08 -10.30
N PRO B 310 -11.11 -25.80 -11.10
CA PRO B 310 -11.28 -27.24 -11.22
C PRO B 310 -10.98 -27.97 -9.90
N SER B 311 -11.48 -29.20 -9.83
CA SER B 311 -11.23 -30.05 -8.66
C SER B 311 -10.78 -31.45 -9.09
N THR B 312 -9.69 -31.93 -8.48
CA THR B 312 -9.24 -33.30 -8.70
C THR B 312 -10.31 -34.26 -8.18
N ILE B 313 -10.58 -35.29 -8.98
CA ILE B 313 -11.49 -36.36 -8.59
C ILE B 313 -10.65 -37.41 -7.86
N MET B 314 -10.80 -37.48 -6.53
CA MET B 314 -9.82 -38.19 -5.71
C MET B 314 -9.80 -39.69 -5.99
N ASN B 315 -10.95 -40.29 -6.31
CA ASN B 315 -11.01 -41.74 -6.51
C ASN B 315 -10.37 -42.17 -7.84
N HIS B 316 -10.49 -41.35 -8.89
CA HIS B 316 -9.77 -41.58 -10.14
C HIS B 316 -9.04 -40.29 -10.50
N PRO B 317 -7.87 -40.05 -9.90
CA PRO B 317 -7.16 -38.77 -10.15
C PRO B 317 -6.71 -38.59 -11.59
N THR B 318 -6.53 -39.68 -12.35
CA THR B 318 -6.12 -39.54 -13.75
C THR B 318 -7.26 -39.03 -14.62
N HIS B 319 -8.52 -39.29 -14.22
CA HIS B 319 -9.67 -38.78 -14.96
C HIS B 319 -9.63 -37.26 -15.06
N LYS B 320 -10.23 -36.74 -16.13
CA LYS B 320 -10.42 -35.30 -16.26
C LYS B 320 -11.03 -34.76 -14.98
N SER B 321 -10.49 -33.63 -14.50
CA SER B 321 -10.99 -33.07 -13.26
C SER B 321 -12.39 -32.49 -13.45
N LEU B 322 -13.10 -32.38 -12.33
CA LEU B 322 -14.37 -31.65 -12.31
C LEU B 322 -14.11 -30.19 -12.60
N LYS B 323 -14.73 -29.65 -13.66
CA LYS B 323 -14.61 -28.25 -14.01
C LYS B 323 -15.73 -27.47 -13.35
N ALA B 324 -15.37 -26.50 -12.48
CA ALA B 324 -16.36 -25.71 -11.77
C ALA B 324 -16.13 -24.24 -12.02
N ALA B 325 -17.20 -23.50 -12.27
CA ALA B 325 -17.15 -22.04 -12.32
C ALA B 325 -17.69 -21.50 -11.01
N TYR B 326 -17.09 -20.40 -10.52
CA TYR B 326 -17.50 -19.81 -9.25
C TYR B 326 -18.00 -18.39 -9.49
N SER B 327 -19.25 -18.13 -9.15
CA SER B 327 -19.77 -16.77 -9.20
C SER B 327 -18.86 -15.82 -8.43
N PHE B 328 -18.53 -14.69 -9.05
CA PHE B 328 -17.61 -13.72 -8.51
C PHE B 328 -18.45 -12.52 -8.08
N TYR B 329 -18.47 -11.42 -8.84
CA TYR B 329 -19.30 -10.24 -8.58
C TYR B 329 -20.22 -10.00 -9.79
N ASN B 330 -21.50 -9.75 -9.52
CA ASN B 330 -22.51 -9.56 -10.56
C ASN B 330 -23.29 -8.29 -10.20
N VAL B 331 -23.09 -7.24 -11.02
CA VAL B 331 -23.68 -5.92 -10.81
C VAL B 331 -24.75 -5.72 -11.86
N HIS B 332 -25.93 -5.30 -11.44
CA HIS B 332 -27.08 -5.09 -12.31
C HIS B 332 -27.62 -3.71 -12.03
N THR B 333 -27.82 -2.92 -13.10
CA THR B 333 -28.55 -1.65 -13.03
C THR B 333 -29.66 -1.53 -14.07
N GLN B 334 -29.63 -2.31 -15.15
CA GLN B 334 -30.64 -2.23 -16.20
C GLN B 334 -31.19 -3.62 -16.51
N THR B 335 -30.30 -4.58 -16.73
CA THR B 335 -30.72 -5.96 -16.87
C THR B 335 -31.14 -6.54 -15.52
N PRO B 336 -32.20 -7.34 -15.49
CA PRO B 336 -32.58 -7.99 -14.23
C PRO B 336 -31.55 -9.04 -13.81
N LEU B 337 -31.31 -9.11 -12.50
CA LEU B 337 -30.29 -10.03 -11.98
C LEU B 337 -30.61 -11.47 -12.38
N LEU B 338 -31.89 -11.82 -12.43
CA LEU B 338 -32.29 -13.16 -12.85
C LEU B 338 -31.86 -13.47 -14.28
N ASP B 339 -32.02 -12.50 -15.19
CA ASP B 339 -31.55 -12.71 -16.57
C ASP B 339 -30.04 -12.69 -16.64
N LEU B 340 -29.40 -11.83 -15.86
CA LEU B 340 -27.94 -11.76 -15.88
C LEU B 340 -27.33 -13.10 -15.48
N MET B 341 -27.83 -13.70 -14.38
CA MET B 341 -27.27 -14.99 -13.95
C MET B 341 -27.65 -16.12 -14.90
N SER B 342 -28.86 -16.07 -15.46
CA SER B 342 -29.22 -17.04 -16.50
C SER B 342 -28.19 -17.04 -17.62
N ASP B 343 -27.74 -15.85 -18.04
CA ASP B 343 -26.71 -15.79 -19.08
C ASP B 343 -25.36 -16.30 -18.59
N ALA B 344 -25.05 -16.14 -17.30
CA ALA B 344 -23.81 -16.69 -16.76
C ALA B 344 -23.80 -18.21 -16.86
N LEU B 345 -24.93 -18.86 -16.57
CA LEU B 345 -25.00 -20.32 -16.67
C LEU B 345 -24.76 -20.74 -18.12
N VAL B 346 -25.38 -20.04 -19.06
CA VAL B 346 -25.25 -20.36 -20.48
C VAL B 346 -23.79 -20.19 -20.94
N LEU B 347 -23.16 -19.07 -20.56
CA LEU B 347 -21.76 -18.87 -20.94
C LEU B 347 -20.85 -19.91 -20.33
N ALA B 348 -21.07 -20.24 -19.04
CA ALA B 348 -20.28 -21.29 -18.41
C ALA B 348 -20.53 -22.65 -19.07
N LYS B 349 -21.78 -22.89 -19.48
CA LYS B 349 -22.09 -24.11 -20.22
C LYS B 349 -21.32 -24.17 -21.53
N MET B 350 -21.29 -23.06 -22.26
CA MET B 350 -20.53 -22.98 -23.52
C MET B 350 -19.03 -23.14 -23.30
N LYS B 351 -18.49 -22.54 -22.24
CA LYS B 351 -17.06 -22.66 -22.01
C LYS B 351 -16.62 -24.05 -21.52
N GLY B 352 -17.55 -24.96 -21.28
CA GLY B 352 -17.19 -26.33 -20.91
C GLY B 352 -17.17 -26.63 -19.42
N PHE B 353 -17.82 -25.82 -18.60
CA PHE B 353 -17.85 -26.12 -17.18
C PHE B 353 -18.89 -27.19 -16.90
N ASP B 354 -18.61 -28.01 -15.88
CA ASP B 354 -19.56 -29.03 -15.45
C ASP B 354 -20.56 -28.52 -14.40
N VAL B 355 -20.17 -27.56 -13.56
CA VAL B 355 -21.04 -27.09 -12.49
C VAL B 355 -20.76 -25.61 -12.28
N PHE B 356 -21.79 -24.88 -11.84
CA PHE B 356 -21.72 -23.46 -11.55
C PHE B 356 -22.05 -23.27 -10.08
N ASN B 357 -21.06 -22.77 -9.31
CA ASN B 357 -21.20 -22.58 -7.87
C ASN B 357 -21.41 -21.12 -7.52
N ALA B 358 -22.31 -20.87 -6.56
CA ALA B 358 -22.54 -19.53 -6.03
C ALA B 358 -22.88 -19.61 -4.55
N LEU B 359 -22.43 -18.61 -3.79
CA LEU B 359 -22.80 -18.51 -2.40
C LEU B 359 -24.18 -17.89 -2.25
N ASP B 360 -24.69 -17.86 -1.02
CA ASP B 360 -25.98 -17.23 -0.78
C ASP B 360 -25.82 -15.80 -0.27
N LEU B 361 -24.70 -15.16 -0.58
CA LEU B 361 -24.47 -13.80 -0.11
C LEU B 361 -25.02 -12.80 -1.11
N MET B 362 -24.89 -11.52 -0.76
CA MET B 362 -25.35 -10.43 -1.63
C MET B 362 -26.81 -10.72 -1.96
N GLU B 363 -27.27 -10.55 -3.21
CA GLU B 363 -28.67 -10.78 -3.55
C GLU B 363 -28.90 -12.15 -4.17
N ASN B 364 -27.96 -13.06 -3.96
CA ASN B 364 -27.99 -14.31 -4.71
C ASN B 364 -29.21 -15.15 -4.37
N LYS B 365 -29.71 -15.05 -3.13
CA LYS B 365 -30.90 -15.80 -2.73
C LYS B 365 -32.10 -15.52 -3.62
N THR B 366 -32.12 -14.38 -4.32
CA THR B 366 -33.23 -14.09 -5.22
C THR B 366 -33.21 -14.92 -6.49
N PHE B 367 -32.06 -15.46 -6.91
CA PHE B 367 -32.08 -16.29 -8.11
C PHE B 367 -31.76 -17.77 -7.90
N LEU B 368 -31.35 -18.19 -6.69
CA LEU B 368 -30.72 -19.50 -6.53
C LEU B 368 -31.70 -20.63 -6.79
N GLU B 369 -32.85 -20.61 -6.12
CA GLU B 369 -33.86 -21.65 -6.37
C GLU B 369 -34.53 -21.48 -7.74
N LYS B 370 -34.81 -20.25 -8.15
CA LYS B 370 -35.43 -20.03 -9.46
C LYS B 370 -34.57 -20.58 -10.59
N LEU B 371 -33.25 -20.49 -10.48
CA LEU B 371 -32.37 -20.94 -11.56
C LEU B 371 -31.92 -22.38 -11.35
N LYS B 372 -32.57 -23.10 -10.43
CA LYS B 372 -32.41 -24.54 -10.19
C LYS B 372 -31.05 -24.89 -9.60
N PHE B 373 -30.50 -24.01 -8.77
CA PHE B 373 -29.35 -24.39 -7.96
C PHE B 373 -29.82 -25.38 -6.88
N GLY B 374 -28.91 -26.24 -6.44
CA GLY B 374 -29.13 -27.09 -5.27
C GLY B 374 -28.21 -26.67 -4.14
N ILE B 375 -28.73 -26.72 -2.91
CA ILE B 375 -27.92 -26.30 -1.77
C ILE B 375 -26.83 -27.33 -1.51
N GLY B 376 -25.66 -26.84 -1.14
CA GLY B 376 -24.52 -27.71 -0.88
C GLY B 376 -24.43 -28.09 0.58
N ASP B 377 -23.48 -28.97 0.87
CA ASP B 377 -23.28 -29.43 2.25
C ASP B 377 -22.39 -28.50 3.07
N GLY B 378 -21.52 -27.72 2.44
CA GLY B 378 -20.49 -26.99 3.16
C GLY B 378 -20.78 -25.52 3.41
N ASN B 379 -20.77 -25.14 4.69
CA ASN B 379 -20.81 -23.73 5.08
C ASN B 379 -19.48 -23.02 4.80
N LEU B 380 -19.56 -21.74 4.46
CA LEU B 380 -18.39 -20.88 4.37
C LEU B 380 -18.56 -19.75 5.37
N GLN B 381 -17.75 -19.76 6.43
CA GLN B 381 -17.75 -18.70 7.42
C GLN B 381 -16.77 -17.59 7.04
N TYR B 382 -17.16 -16.36 7.29
CA TYR B 382 -16.36 -15.16 7.11
C TYR B 382 -15.90 -14.62 8.45
N TYR B 383 -14.64 -14.20 8.51
CA TYR B 383 -13.98 -13.83 9.77
C TYR B 383 -13.19 -12.54 9.61
N LEU B 384 -13.14 -11.78 10.69
CA LEU B 384 -12.27 -10.63 10.79
C LEU B 384 -11.33 -10.85 11.97
N TYR B 385 -10.07 -10.48 11.78
CA TYR B 385 -9.06 -10.61 12.82
C TYR B 385 -8.79 -9.23 13.40
N ASN B 386 -8.85 -9.14 14.73
CA ASN B 386 -8.67 -7.88 15.46
C ASN B 386 -9.63 -6.79 14.98
N TRP B 387 -10.87 -7.18 14.71
CA TRP B 387 -11.94 -6.20 14.50
C TRP B 387 -13.20 -6.73 15.14
N LYS B 388 -13.69 -6.01 16.14
CA LYS B 388 -14.91 -6.37 16.85
C LYS B 388 -16.08 -5.62 16.22
N CYS B 389 -17.09 -6.35 15.75
CA CYS B 389 -18.26 -5.71 15.18
C CYS B 389 -19.39 -6.72 15.23
N PRO B 390 -20.65 -6.29 15.05
CA PRO B 390 -21.76 -7.26 15.03
C PRO B 390 -21.70 -8.17 13.83
N SER B 391 -22.28 -9.36 13.98
CA SER B 391 -22.36 -10.24 12.82
C SER B 391 -23.49 -9.76 11.89
N MET B 392 -23.61 -10.42 10.72
CA MET B 392 -24.59 -10.00 9.73
C MET B 392 -25.10 -11.23 9.00
N GLY B 393 -26.27 -11.10 8.40
CA GLY B 393 -26.78 -12.18 7.59
C GLY B 393 -26.01 -12.29 6.29
N ALA B 394 -26.01 -13.49 5.73
CA ALA B 394 -25.36 -13.71 4.43
C ALA B 394 -25.70 -12.62 3.42
N GLU B 395 -26.93 -12.12 3.44
CA GLU B 395 -27.36 -11.25 2.36
C GLU B 395 -26.68 -9.89 2.41
N LYS B 396 -26.03 -9.58 3.52
CA LYS B 396 -25.32 -8.32 3.70
C LYS B 396 -23.82 -8.48 3.50
N VAL B 397 -23.34 -9.68 3.24
CA VAL B 397 -21.93 -9.91 2.92
C VAL B 397 -21.71 -9.65 1.42
N GLY B 398 -20.78 -8.77 1.09
CA GLY B 398 -20.49 -8.49 -0.31
C GLY B 398 -19.02 -8.65 -0.61
N LEU B 399 -18.44 -9.76 -0.19
CA LEU B 399 -17.02 -10.05 -0.37
C LEU B 399 -16.89 -11.50 -0.83
N VAL B 400 -16.25 -11.71 -1.98
CA VAL B 400 -15.97 -13.03 -2.51
C VAL B 400 -14.45 -13.19 -2.61
N LEU B 401 -13.90 -14.16 -1.88
CA LEU B 401 -12.48 -14.50 -1.93
C LEU B 401 -12.27 -15.75 -2.78
N GLN B 402 -11.03 -15.95 -3.24
CA GLN B 402 -10.72 -17.04 -4.17
C GLN B 402 -10.55 -18.38 -3.48
N GLY C 1 9.10 19.56 -4.20
CA GLY C 1 10.48 19.48 -3.77
C GLY C 1 10.84 20.32 -2.59
N ASN C 2 12.06 20.11 -2.10
CA ASN C 2 12.73 20.93 -1.10
C ASN C 2 12.96 22.35 -1.65
N CYS C 3 13.60 23.19 -0.84
CA CYS C 3 13.92 24.56 -1.23
C CYS C 3 15.31 24.88 -0.71
N PHE C 4 16.12 25.53 -1.52
CA PHE C 4 17.47 25.87 -1.11
C PHE C 4 17.47 27.21 -0.38
N SER C 5 18.16 27.24 0.76
CA SER C 5 18.24 28.43 1.59
C SER C 5 19.70 28.79 1.80
N LYS C 6 19.95 30.08 2.05
CA LYS C 6 21.25 30.50 2.54
C LYS C 6 21.03 31.54 3.63
N ARG C 7 22.13 32.02 4.19
CA ARG C 7 22.06 32.91 5.34
C ARG C 7 21.49 34.27 4.95
N ARG C 8 20.45 34.68 5.69
CA ARG C 8 19.95 36.06 5.95
C ARG C 8 18.47 36.22 5.67
N GLY D 1 -9.99 -18.46 2.94
CA GLY D 1 -9.57 -19.72 2.33
C GLY D 1 -10.77 -20.57 1.95
N ASN D 2 -10.77 -21.09 0.73
CA ASN D 2 -12.02 -21.49 0.10
C ASN D 2 -12.51 -22.85 0.59
N CYS D 3 -13.83 -23.02 0.56
CA CYS D 3 -14.52 -24.17 1.11
C CYS D 3 -15.03 -25.04 -0.03
N PHE D 4 -14.83 -26.36 0.09
CA PHE D 4 -15.22 -27.30 -0.94
C PHE D 4 -16.57 -27.90 -0.59
N SER D 5 -17.59 -27.57 -1.37
CA SER D 5 -18.94 -28.05 -1.15
C SER D 5 -19.34 -29.05 -2.23
N LYS D 6 -20.06 -30.08 -1.81
CA LYS D 6 -20.69 -31.06 -2.67
C LYS D 6 -22.19 -30.85 -2.64
N ARG D 7 -22.90 -31.48 -3.58
CA ARG D 7 -24.36 -31.41 -3.58
C ARG D 7 -24.89 -32.09 -2.32
N ARG D 8 -25.70 -31.37 -1.53
CA ARG D 8 -25.92 -31.77 -0.14
C ARG D 8 -26.60 -33.14 -0.04
N ALA D 9 -27.35 -33.53 -1.09
CA ALA D 9 -28.21 -34.73 -1.23
C ALA D 9 -29.55 -34.59 -0.49
N1A COA E . 5.09 23.14 -7.59
C2A COA E . 3.84 23.15 -8.15
N3A COA E . 3.56 24.05 -9.14
C4A COA E . 4.51 24.92 -9.54
C5A COA E . 5.74 24.92 -8.97
C6A COA E . 6.04 24.02 -7.97
N6A COA E . 7.29 23.74 -7.16
N7A COA E . 6.47 25.90 -9.57
C8A COA E . 5.68 26.50 -10.51
N9A COA E . 4.49 25.89 -10.48
C1B COA E . 3.36 26.20 -11.27
C2B COA E . 3.19 27.52 -11.30
O2B COA E . 2.52 27.97 -10.07
C3B COA E . 2.29 27.69 -12.56
O3B COA E . 1.01 27.44 -12.24
P3B COA E . -0.03 28.73 -12.06
O7A COA E . -1.28 28.28 -11.36
O8A COA E . -0.37 29.23 -13.43
O9A COA E . 0.69 29.78 -11.27
C4B COA E . 2.86 26.60 -13.58
O4B COA E . 3.53 25.72 -12.86
C5B COA E . 3.79 27.23 -14.62
O5B COA E . 3.93 26.31 -15.68
P1A COA E . 5.42 26.12 -16.38
O1A COA E . 5.65 24.71 -16.92
O2A COA E . 5.55 27.11 -17.49
O3A COA E . 6.57 26.36 -15.18
P2A COA E . 8.19 25.91 -15.40
O4A COA E . 9.06 27.07 -14.96
O5A COA E . 8.42 25.57 -16.86
O6A COA E . 8.48 24.51 -14.51
CBP COA E . 9.53 23.76 -12.48
CCP COA E . 8.33 24.52 -13.09
CDP COA E . 9.58 24.07 -10.96
CEP COA E . 9.31 22.29 -12.72
CAP COA E . 10.80 24.22 -13.16
OAP COA E . 10.95 25.60 -12.98
C9P COA E . 12.03 23.56 -12.55
O9P COA E . 12.40 22.50 -12.90
N8P COA E . 12.73 24.32 -11.50
C7P COA E . 13.94 23.77 -10.84
C6P COA E . 13.53 22.71 -9.78
C5P COA E . 12.28 23.06 -8.96
O5P COA E . 12.11 24.17 -8.51
N4P COA E . 11.30 21.98 -8.72
C3P COA E . 10.08 22.19 -7.96
C2P COA E . 10.44 21.96 -6.43
S1P COA E . 9.03 22.42 -5.38
C1 GOL F . 9.41 11.06 6.62
O1 GOL F . 9.31 12.41 6.28
C2 GOL F . 9.07 10.21 5.41
O2 GOL F . 7.75 10.49 4.99
C3 GOL F . 10.13 10.50 4.32
O3 GOL F . 9.71 11.50 3.43
C1 GOL G . -3.72 22.36 2.59
O1 GOL G . -2.58 22.92 1.98
C2 GOL G . -4.83 23.37 2.92
O2 GOL G . -5.80 22.73 3.70
C3 GOL G . -4.31 24.57 3.72
O3 GOL G . -4.66 24.40 5.08
CL CL H . 12.25 1.85 -9.82
S1 MYA I . -9.17 -21.63 5.07
C2 MYA I . -8.39 -23.08 4.23
C3 MYA I . -7.68 -23.99 5.25
N4 MYA I . -6.85 -24.99 4.52
C5 MYA I . -7.21 -26.27 4.44
O5 MYA I . -8.25 -26.72 4.92
C6 MYA I . -6.24 -27.14 3.66
C7 MYA I . -6.31 -28.58 4.16
N8 MYA I . -6.00 -28.62 5.60
C9 MYA I . -4.77 -28.38 6.09
O9 MYA I . -3.77 -28.14 5.40
C10 MYA I . -4.65 -28.44 7.62
O10 MYA I . -5.63 -29.32 8.19
C11 MYA I . -4.73 -27.04 8.26
C12 MYA I . -4.83 -27.16 9.78
C13 MYA I . -5.93 -26.26 7.74
C14 MYA I . -3.47 -26.25 7.91
N1A MYA I . -8.27 -21.68 9.80
O1A MYA I . -1.65 -27.62 12.88
P1A MYA I . -2.82 -28.04 13.69
C1X MYA I . -6.82 -24.31 13.99
C2A MYA I . -7.72 -21.17 10.97
O2A MYA I . -2.61 -29.00 14.78
P2A MYA I . -3.79 -29.12 11.27
C2M MYA I . -7.80 -20.31 4.93
O2M MYA I . -6.84 -20.34 4.18
C2X MYA I . -7.48 -25.28 14.92
O2X MYA I . -8.77 -24.76 15.29
N3A MYA I . -7.40 -22.07 11.98
O3A MYA I . -3.97 -28.58 12.75
C3M MYA I . -7.90 -19.16 5.90
C3X MYA I . -6.54 -25.24 16.11
O3X MYA I . -6.71 -24.04 16.88
P3X MYA I . -7.44 -24.23 18.33
C4A MYA I . -7.62 -23.38 11.82
O4A MYA I . -2.53 -29.89 11.25
C4M MYA I . -6.87 -19.36 7.01
C4X MYA I . -5.20 -25.30 15.36
O4X MYA I . -5.45 -24.76 14.04
C5A MYA I . -8.14 -23.85 10.67
O5A MYA I . -5.05 -29.81 10.99
C5M MYA I . -7.01 -18.21 8.02
C5X MYA I . -4.80 -26.75 15.02
O5X MYA I . -3.60 -26.71 14.22
C6A MYA I . -8.46 -23.01 9.67
N6A MYA I . -8.97 -23.56 8.57
O6A MYA I . -3.66 -27.82 10.29
C6M MYA I . -6.12 -18.48 9.22
N7A MYA I . -8.24 -25.19 10.76
O7A MYA I . -7.77 -22.88 18.82
C7M MYA I . -6.30 -17.34 10.24
C8A MYA I . -7.78 -25.53 11.97
O8A MYA I . -8.61 -25.03 17.96
C8M MYA I . -5.67 -16.01 9.77
N9A MYA I . -7.41 -24.41 12.60
O9A MYA I . -6.43 -24.90 19.15
C9M MYA I . -5.76 -14.96 10.89
CAM MYA I . -5.25 -13.61 10.42
CBM MYA I . -3.71 -13.58 10.43
CCM MYA I . -3.26 -12.23 9.83
CDM MYA I . -3.53 -11.10 10.85
CEM MYA I . -2.86 -9.84 10.34
CFM MYA I . -3.25 -8.59 11.18
C1 GOL J . -15.34 -10.74 13.32
O1 GOL J . -15.06 -12.11 13.21
C2 GOL J . -16.06 -10.47 14.62
O2 GOL J . -16.21 -9.10 14.83
C3 GOL J . -17.40 -11.22 14.68
O3 GOL J . -18.41 -10.36 14.20
C1 GOL K . -11.76 -9.49 -3.83
O1 GOL K . -13.13 -9.76 -3.98
C2 GOL K . -10.97 -10.74 -4.23
O2 GOL K . -10.67 -10.76 -5.61
C3 GOL K . -9.66 -10.71 -3.47
O3 GOL K . -9.37 -12.00 -3.00
CL CL L . 5.90 -13.49 -5.49
C1 MYR M . 8.38 19.18 -5.23
O1 MYR M . 8.96 18.70 -6.25
C2 MYR M . 6.89 19.37 -5.13
C3 MYR M . 6.27 19.72 -6.43
C4 MYR M . 4.76 19.57 -6.14
C5 MYR M . 3.88 19.64 -7.40
C6 MYR M . 2.44 19.70 -6.87
C7 MYR M . 1.78 18.36 -7.19
C8 MYR M . 0.82 18.03 -6.06
C9 MYR M . -0.37 17.15 -6.46
C10 MYR M . 0.08 15.70 -6.65
C11 MYR M . -0.98 14.71 -7.13
C12 MYR M . -1.93 14.31 -6.02
C13 MYR M . -2.50 12.91 -6.21
C14 MYR M . -3.79 12.76 -5.39
#